data_1MV5
#
_entry.id   1MV5
#
_cell.length_a   141.866
_cell.length_b   141.866
_cell.length_c   120.965
_cell.angle_alpha   90.00
_cell.angle_beta   90.00
_cell.angle_gamma   120.00
#
_symmetry.space_group_name_H-M   'P 63'
#
loop_
_entity.id
_entity.type
_entity.pdbx_description
1 polymer 'Multidrug resistance ABC transporter ATP-binding and permease protein'
2 non-polymer "ADENOSINE-5'-TRIPHOSPHATE"
3 non-polymer "ADENOSINE-5'-DIPHOSPHATE"
4 non-polymer 'MAGNESIUM ION'
5 water water
#
_entity_poly.entity_id   1
_entity_poly.type   'polypeptide(L)'
_entity_poly.pdbx_seq_one_letter_code
;MLSARHVDFAYDDSEQILRDISFEAQPNSIIAFAGPSGGGKSTIFSLLERFYQPTAGEITIDGQPIDNISLENWRSQIGF
VSQDSAIMAGTIRENLTYGLEGDYTDEDLWQVLDLAFARSFVENMPDQLNTEVGERGVKISGGQRQRLAIARAFLRNPKI
LMLDEATASLDSESESMVQKALDSLMKGRTTLVIAHRLSTIVDADKIYFIEKGQITGSGKHNELVATHPLYAKYVSEQLT
VGQ
;
_entity_poly.pdbx_strand_id   A,B,C,D
#
# COMPACT_ATOMS: atom_id res chain seq x y z
N MET A 1 -13.70 26.92 15.58
CA MET A 1 -14.36 25.78 14.89
C MET A 1 -13.85 25.65 13.46
N LEU A 2 -14.40 24.67 12.76
CA LEU A 2 -14.08 24.46 11.38
C LEU A 2 -15.36 24.77 10.72
N SER A 3 -15.42 25.96 10.12
CA SER A 3 -16.60 26.40 9.41
C SER A 3 -16.38 26.38 7.94
N ALA A 4 -17.47 26.22 7.23
CA ALA A 4 -17.45 26.18 5.80
C ALA A 4 -18.59 27.09 5.43
N ARG A 5 -18.30 28.33 5.00
CA ARG A 5 -19.35 29.27 4.61
C ARG A 5 -19.49 29.52 3.09
N HIS A 6 -20.65 29.16 2.56
CA HIS A 6 -21.07 29.31 1.15
C HIS A 6 -20.26 28.64 0.07
N VAL A 7 -19.92 27.38 0.29
CA VAL A 7 -19.09 26.65 -0.66
C VAL A 7 -19.75 26.15 -1.91
N ASP A 8 -19.09 26.44 -3.01
CA ASP A 8 -19.50 26.04 -4.34
C ASP A 8 -18.39 25.21 -4.96
N PHE A 9 -18.79 24.19 -5.72
CA PHE A 9 -17.84 23.33 -6.41
C PHE A 9 -18.39 22.55 -7.61
N ALA A 10 -17.49 22.39 -8.57
CA ALA A 10 -17.73 21.63 -9.78
C ALA A 10 -16.36 21.07 -10.19
N TYR A 11 -16.28 19.74 -10.36
CA TYR A 11 -15.05 19.07 -10.77
C TYR A 11 -14.71 19.46 -12.21
N ASP A 12 -15.73 19.45 -13.08
CA ASP A 12 -15.58 19.79 -14.49
C ASP A 12 -16.54 20.88 -14.99
N ASP A 13 -17.20 20.62 -16.13
CA ASP A 13 -18.16 21.56 -16.73
C ASP A 13 -19.59 20.97 -16.82
N SER A 14 -19.68 19.63 -16.88
CA SER A 14 -20.95 18.86 -16.96
C SER A 14 -22.03 19.33 -16.01
N GLU A 15 -21.83 19.09 -14.73
CA GLU A 15 -22.80 19.48 -13.73
C GLU A 15 -22.06 20.15 -12.55
N GLN A 16 -22.87 20.75 -11.66
CA GLN A 16 -22.37 21.44 -10.49
C GLN A 16 -22.44 20.43 -9.40
N ILE A 17 -21.33 20.26 -8.69
CA ILE A 17 -21.28 19.23 -7.67
C ILE A 17 -21.76 19.66 -6.31
N LEU A 18 -21.34 20.84 -5.91
CA LEU A 18 -21.73 21.43 -4.66
C LEU A 18 -22.28 22.84 -4.89
N ARG A 19 -23.44 23.12 -4.29
CA ARG A 19 -24.10 24.41 -4.43
C ARG A 19 -24.37 25.16 -3.12
N ASP A 20 -23.65 26.26 -2.90
CA ASP A 20 -23.81 27.11 -1.73
C ASP A 20 -23.99 26.29 -0.47
N ILE A 21 -22.89 25.79 0.05
CA ILE A 21 -22.90 24.94 1.22
C ILE A 21 -22.29 25.59 2.43
N SER A 22 -23.02 25.55 3.54
CA SER A 22 -22.56 26.13 4.77
C SER A 22 -22.73 25.18 5.92
N PHE A 23 -21.65 24.98 6.65
CA PHE A 23 -21.68 24.13 7.82
C PHE A 23 -20.60 24.46 8.82
N GLU A 24 -20.72 23.90 10.01
CA GLU A 24 -19.78 24.11 11.09
C GLU A 24 -19.62 22.84 11.87
N ALA A 25 -18.48 22.69 12.50
CA ALA A 25 -18.19 21.54 13.33
C ALA A 25 -17.14 22.03 14.29
N GLN A 26 -17.52 22.01 15.57
CA GLN A 26 -16.68 22.49 16.66
C GLN A 26 -16.03 21.38 17.52
N PRO A 27 -15.05 21.75 18.38
CA PRO A 27 -14.41 20.77 19.24
C PRO A 27 -15.36 19.90 20.08
N ASN A 28 -14.86 18.74 20.46
CA ASN A 28 -15.52 17.70 21.24
C ASN A 28 -16.92 17.44 20.78
N SER A 29 -17.09 17.45 19.46
CA SER A 29 -18.38 17.22 18.82
C SER A 29 -18.25 16.25 17.61
N ILE A 30 -19.39 15.74 17.14
CA ILE A 30 -19.43 14.83 15.97
C ILE A 30 -20.51 15.35 15.04
N ILE A 31 -20.20 15.57 13.78
CA ILE A 31 -21.24 16.03 12.89
C ILE A 31 -21.38 15.11 11.72
N ALA A 32 -22.52 14.46 11.61
CA ALA A 32 -22.77 13.53 10.53
C ALA A 32 -23.26 14.24 9.30
N PHE A 33 -23.04 13.60 8.14
CA PHE A 33 -23.45 14.08 6.81
C PHE A 33 -24.09 12.87 6.21
N ALA A 34 -25.34 12.98 5.86
CA ALA A 34 -26.07 11.86 5.30
C ALA A 34 -26.73 12.26 4.03
N GLY A 35 -27.16 11.27 3.29
CA GLY A 35 -27.83 11.57 2.04
C GLY A 35 -27.67 10.55 0.95
N PRO A 36 -28.37 10.77 -0.15
CA PRO A 36 -28.29 9.83 -1.28
C PRO A 36 -26.89 9.84 -1.87
N SER A 37 -26.59 8.78 -2.61
CA SER A 37 -25.34 8.58 -3.32
C SER A 37 -25.31 9.64 -4.41
N GLY A 38 -24.15 10.23 -4.61
CA GLY A 38 -23.98 11.26 -5.61
C GLY A 38 -24.35 12.64 -5.09
N GLY A 39 -24.58 12.73 -3.78
CA GLY A 39 -24.94 13.98 -3.14
C GLY A 39 -23.85 15.03 -3.11
N GLY A 40 -22.64 14.59 -2.84
CA GLY A 40 -21.53 15.50 -2.80
C GLY A 40 -20.77 15.27 -1.52
N LYS A 41 -21.20 14.27 -0.76
CA LYS A 41 -20.63 13.91 0.53
C LYS A 41 -19.10 13.68 0.59
N SER A 42 -18.55 12.91 -0.36
CA SER A 42 -17.10 12.62 -0.43
C SER A 42 -16.36 13.86 -0.80
N THR A 43 -17.04 14.64 -1.63
CA THR A 43 -16.49 15.83 -2.16
C THR A 43 -16.18 16.88 -1.12
N ILE A 44 -16.97 16.93 -0.05
CA ILE A 44 -16.72 17.90 1.01
C ILE A 44 -15.41 17.54 1.68
N PHE A 45 -15.21 16.24 1.87
CA PHE A 45 -13.99 15.81 2.52
C PHE A 45 -12.79 16.10 1.66
N SER A 46 -12.97 16.00 0.35
CA SER A 46 -11.89 16.24 -0.55
C SER A 46 -11.45 17.66 -0.50
N LEU A 47 -12.39 18.57 -0.38
CA LEU A 47 -12.02 19.98 -0.33
C LEU A 47 -11.50 20.26 1.02
N LEU A 48 -12.02 19.55 2.01
CA LEU A 48 -11.57 19.74 3.37
C LEU A 48 -10.15 19.22 3.56
N GLU A 49 -9.70 18.29 2.71
CA GLU A 49 -8.35 17.74 2.81
C GLU A 49 -7.45 18.45 1.85
N ARG A 50 -8.06 19.38 1.12
CA ARG A 50 -7.41 20.20 0.13
C ARG A 50 -7.02 19.61 -1.18
N PHE A 51 -7.63 18.51 -1.58
CA PHE A 51 -7.33 17.92 -2.88
C PHE A 51 -7.80 18.88 -3.95
N TYR A 52 -8.85 19.65 -3.66
CA TYR A 52 -9.39 20.66 -4.58
C TYR A 52 -9.88 21.91 -3.83
N GLN A 53 -10.14 22.96 -4.60
CA GLN A 53 -10.60 24.27 -4.15
C GLN A 53 -12.08 24.54 -4.32
N PRO A 54 -12.68 25.36 -3.47
CA PRO A 54 -14.10 25.63 -3.64
C PRO A 54 -14.12 26.64 -4.77
N THR A 55 -14.99 26.47 -5.75
CA THR A 55 -15.04 27.40 -6.88
C THR A 55 -15.49 28.79 -6.41
N ALA A 56 -16.18 28.79 -5.26
CA ALA A 56 -16.71 29.98 -4.58
C ALA A 56 -17.07 29.71 -3.08
N GLY A 57 -16.82 30.68 -2.21
CA GLY A 57 -17.12 30.55 -0.81
C GLY A 57 -16.04 29.90 0.01
N GLU A 58 -15.63 30.57 1.06
CA GLU A 58 -14.59 30.13 2.01
C GLU A 58 -14.80 28.88 2.91
N ILE A 59 -13.68 28.39 3.46
CA ILE A 59 -13.62 27.28 4.43
C ILE A 59 -12.59 27.82 5.41
N THR A 60 -13.03 27.99 6.64
CA THR A 60 -12.25 28.56 7.69
C THR A 60 -11.96 27.59 8.80
N ILE A 61 -10.85 27.81 9.44
CA ILE A 61 -10.45 27.03 10.61
C ILE A 61 -10.09 28.06 11.69
N ASP A 62 -10.81 28.06 12.82
CA ASP A 62 -10.52 28.98 13.91
C ASP A 62 -10.41 30.46 13.53
N GLY A 63 -11.01 30.83 12.39
CA GLY A 63 -11.01 32.21 11.91
C GLY A 63 -10.23 32.36 10.61
N GLN A 64 -9.10 31.64 10.52
CA GLN A 64 -8.19 31.69 9.35
C GLN A 64 -8.55 30.75 8.25
N PRO A 65 -8.57 31.26 7.01
CA PRO A 65 -8.89 30.46 5.83
C PRO A 65 -7.93 29.29 5.72
N ILE A 66 -8.41 28.04 5.74
CA ILE A 66 -7.50 26.88 5.66
C ILE A 66 -6.58 27.01 4.46
N ASP A 67 -7.20 27.42 3.38
CA ASP A 67 -6.49 27.53 2.14
C ASP A 67 -5.48 28.56 1.96
N ASN A 68 -4.30 28.03 1.74
CA ASN A 68 -3.12 28.77 1.41
C ASN A 68 -2.93 29.91 2.39
N ILE A 69 -3.17 29.55 3.65
CA ILE A 69 -2.97 30.43 4.76
C ILE A 69 -2.20 29.46 5.71
N SER A 70 -2.63 28.20 5.70
CA SER A 70 -1.94 27.17 6.45
C SER A 70 -1.44 26.29 5.31
N LEU A 71 -0.20 26.45 4.87
CA LEU A 71 0.43 25.65 3.78
C LEU A 71 -0.01 24.20 3.85
N GLU A 72 0.12 23.45 2.76
CA GLU A 72 -0.31 22.04 2.74
C GLU A 72 0.47 21.05 3.64
N ASN A 73 0.61 21.46 4.90
CA ASN A 73 1.26 20.77 6.05
C ASN A 73 0.24 21.05 7.19
N TRP A 74 -0.99 21.11 6.69
CA TRP A 74 -2.27 21.36 7.30
C TRP A 74 -2.78 19.94 7.55
N ARG A 75 -2.12 18.98 6.90
CA ARG A 75 -2.52 17.58 6.95
C ARG A 75 -2.21 16.90 8.25
N SER A 76 -1.45 17.62 9.06
CA SER A 76 -1.04 17.19 10.39
C SER A 76 -2.09 17.56 11.43
N GLN A 77 -3.10 18.28 10.96
CA GLN A 77 -4.22 18.73 11.76
C GLN A 77 -5.39 17.84 11.46
N ILE A 78 -5.40 17.32 10.25
CA ILE A 78 -6.46 16.44 9.78
C ILE A 78 -6.04 14.98 9.90
N GLY A 79 -7.04 14.09 9.90
CA GLY A 79 -6.79 12.68 9.96
C GLY A 79 -8.01 12.12 9.37
N PHE A 80 -7.88 11.09 8.55
CA PHE A 80 -9.02 10.47 7.90
C PHE A 80 -8.88 8.97 8.09
N VAL A 81 -9.90 8.35 8.68
CA VAL A 81 -9.93 6.90 8.90
C VAL A 81 -11.12 6.19 8.18
N SER A 82 -10.89 5.38 7.14
CA SER A 82 -11.97 4.62 6.44
C SER A 82 -11.35 3.35 5.99
N GLN A 83 -12.17 2.44 5.51
CA GLN A 83 -11.69 1.15 5.04
C GLN A 83 -12.48 0.49 3.88
N ASP A 84 -11.79 -0.44 3.21
CA ASP A 84 -12.28 -1.24 2.09
C ASP A 84 -11.06 -2.11 1.66
N SER A 85 -11.11 -2.75 0.45
CA SER A 85 -10.04 -3.63 -0.13
C SER A 85 -8.65 -2.98 0.00
N ALA A 86 -8.09 -3.19 1.21
CA ALA A 86 -6.80 -2.65 1.67
C ALA A 86 -5.82 -3.71 2.20
N ILE A 87 -4.57 -3.27 2.23
CA ILE A 87 -3.43 -4.03 2.72
C ILE A 87 -2.55 -2.91 3.26
N MET A 88 -1.86 -3.27 4.32
CA MET A 88 -0.86 -2.40 4.91
C MET A 88 0.34 -3.33 4.81
N ALA A 89 1.39 -2.81 4.16
CA ALA A 89 2.57 -3.59 3.88
C ALA A 89 3.77 -3.12 4.71
N GLY A 90 4.28 -4.03 5.54
CA GLY A 90 5.41 -3.70 6.37
C GLY A 90 5.24 -4.04 7.83
N THR A 91 6.17 -3.52 8.61
CA THR A 91 6.21 -3.72 10.04
C THR A 91 5.16 -2.86 10.74
N ILE A 92 4.59 -3.35 11.84
CA ILE A 92 3.61 -2.60 12.61
C ILE A 92 4.21 -1.21 12.95
N ARG A 93 5.44 -1.20 13.45
CA ARG A 93 6.15 0.03 13.76
C ARG A 93 6.18 0.83 12.47
N GLU A 94 6.69 0.22 11.40
CA GLU A 94 6.77 0.93 10.14
C GLU A 94 5.46 1.53 9.76
N ASN A 95 4.38 0.77 9.94
CA ASN A 95 3.05 1.25 9.56
C ASN A 95 2.60 2.43 10.37
N LEU A 96 2.81 2.34 11.67
CA LEU A 96 2.44 3.42 12.53
C LEU A 96 3.41 4.58 12.39
N THR A 97 4.19 4.68 11.30
CA THR A 97 5.18 5.75 11.21
C THR A 97 5.61 6.57 9.98
N TYR A 98 4.78 6.99 9.04
CA TYR A 98 5.37 7.85 8.00
C TYR A 98 5.48 9.30 8.51
N GLY A 99 4.75 9.54 9.60
CA GLY A 99 4.75 10.84 10.23
C GLY A 99 5.99 11.07 11.08
N LEU A 100 6.72 12.11 10.70
CA LEU A 100 7.93 12.56 11.35
C LEU A 100 7.62 13.05 12.79
N GLU A 101 6.34 13.20 13.11
CA GLU A 101 5.89 13.70 14.40
C GLU A 101 5.84 12.65 15.51
N GLY A 102 5.31 11.48 15.15
CA GLY A 102 5.19 10.41 16.12
C GLY A 102 6.38 9.50 16.06
N ASP A 103 6.23 8.31 16.67
CA ASP A 103 7.28 7.25 16.80
C ASP A 103 8.70 7.70 16.90
N TYR A 104 9.21 7.69 18.11
CA TYR A 104 10.60 7.92 18.29
C TYR A 104 10.95 6.96 19.47
N THR A 105 9.86 6.34 19.98
CA THR A 105 9.89 5.38 21.09
C THR A 105 8.88 4.29 20.80
N ASP A 106 9.29 3.04 21.08
CA ASP A 106 8.47 1.81 20.94
C ASP A 106 7.42 1.83 22.04
N GLU A 107 7.73 2.53 23.13
CA GLU A 107 6.82 2.66 24.25
C GLU A 107 5.69 3.61 23.88
N ASP A 108 6.00 4.64 23.09
CA ASP A 108 4.96 5.58 22.65
C ASP A 108 3.95 4.91 21.77
N LEU A 109 4.42 3.91 21.01
CA LEU A 109 3.57 3.13 20.14
C LEU A 109 2.68 2.27 20.99
N TRP A 110 3.21 1.84 22.11
CA TRP A 110 2.43 0.98 22.96
C TRP A 110 1.29 1.77 23.58
N GLN A 111 1.54 3.07 23.81
CA GLN A 111 0.54 3.99 24.43
C GLN A 111 -0.64 4.23 23.48
N VAL A 112 -0.31 4.13 22.20
CA VAL A 112 -1.21 4.33 21.10
C VAL A 112 -2.05 3.11 20.84
N LEU A 113 -1.39 1.96 20.90
CA LEU A 113 -2.06 0.71 20.67
C LEU A 113 -3.02 0.42 21.80
N ASP A 114 -2.73 0.96 22.99
CA ASP A 114 -3.60 0.77 24.16
C ASP A 114 -4.89 1.52 23.90
N LEU A 115 -4.71 2.78 23.52
CA LEU A 115 -5.82 3.65 23.21
C LEU A 115 -6.62 3.15 22.00
N ALA A 116 -5.95 2.49 21.04
CA ALA A 116 -6.60 1.98 19.83
C ALA A 116 -7.13 0.56 19.99
N PHE A 117 -6.68 -0.06 21.08
CA PHE A 117 -7.00 -1.44 21.52
C PHE A 117 -6.22 -2.54 20.77
N ALA A 118 -4.91 -2.54 21.06
CA ALA A 118 -3.96 -3.47 20.47
C ALA A 118 -2.76 -4.03 21.29
N ARG A 119 -2.50 -3.55 22.52
CA ARG A 119 -1.40 -4.12 23.34
C ARG A 119 -1.74 -5.58 23.70
N SER A 120 -2.89 -6.04 23.21
CA SER A 120 -3.34 -7.39 23.50
C SER A 120 -3.10 -8.28 22.28
N PHE A 121 -3.27 -7.73 21.09
CA PHE A 121 -3.06 -8.55 19.93
C PHE A 121 -1.72 -8.23 19.31
N VAL A 122 -0.97 -7.30 19.92
CA VAL A 122 0.36 -6.95 19.40
C VAL A 122 1.40 -7.50 20.40
N GLU A 123 0.90 -8.06 21.50
CA GLU A 123 1.79 -8.67 22.49
C GLU A 123 1.74 -10.17 22.25
N ASN A 124 0.52 -10.67 22.01
CA ASN A 124 0.30 -12.06 21.69
C ASN A 124 0.68 -12.19 20.20
N MET A 125 1.58 -11.32 19.74
CA MET A 125 2.07 -11.29 18.36
C MET A 125 3.62 -11.54 18.34
N PRO A 126 4.15 -12.37 17.38
CA PRO A 126 5.53 -12.79 17.12
C PRO A 126 6.65 -11.95 17.66
N ASP A 127 7.35 -11.22 16.78
CA ASP A 127 8.47 -10.33 17.16
C ASP A 127 7.92 -9.02 17.73
N GLN A 128 6.64 -9.10 18.15
CA GLN A 128 5.84 -8.04 18.74
C GLN A 128 5.78 -6.92 17.74
N LEU A 129 6.05 -5.70 18.19
CA LEU A 129 6.05 -4.50 17.35
C LEU A 129 6.87 -4.56 16.05
N ASN A 130 7.86 -5.45 15.98
CA ASN A 130 8.70 -5.55 14.79
C ASN A 130 8.31 -6.65 13.82
N THR A 131 7.01 -6.91 13.69
CA THR A 131 6.50 -7.94 12.78
C THR A 131 6.12 -7.39 11.38
N GLU A 132 6.48 -8.11 10.31
CA GLU A 132 6.09 -7.71 8.93
C GLU A 132 4.67 -8.24 8.77
N VAL A 133 3.79 -7.38 8.28
CA VAL A 133 2.38 -7.71 8.10
C VAL A 133 1.87 -7.87 6.66
N GLY A 134 0.95 -8.81 6.51
CA GLY A 134 0.32 -9.03 5.22
C GLY A 134 1.17 -9.71 4.16
N GLU A 135 1.54 -8.92 3.13
CA GLU A 135 2.36 -9.18 1.89
C GLU A 135 3.45 -10.24 2.07
N ARG A 136 2.95 -11.41 2.43
CA ARG A 136 3.75 -12.57 2.77
C ARG A 136 4.58 -12.30 4.04
N GLY A 137 3.80 -11.76 4.97
CA GLY A 137 4.14 -11.44 6.35
C GLY A 137 2.97 -12.12 7.09
N VAL A 138 2.45 -11.51 8.15
CA VAL A 138 1.36 -12.06 8.97
C VAL A 138 -0.06 -11.95 8.42
N LYS A 139 -1.01 -12.56 9.13
CA LYS A 139 -2.43 -12.52 8.79
C LYS A 139 -3.11 -11.58 9.78
N ILE A 140 -3.92 -10.62 9.31
CA ILE A 140 -4.62 -9.71 10.22
C ILE A 140 -6.09 -9.68 9.79
N SER A 141 -6.96 -10.00 10.75
CA SER A 141 -8.39 -10.01 10.50
C SER A 141 -8.81 -8.53 10.32
N GLY A 142 -9.57 -8.24 9.24
CA GLY A 142 -10.05 -6.89 8.93
C GLY A 142 -10.17 -5.90 10.08
N GLY A 143 -10.85 -6.31 11.16
CA GLY A 143 -11.04 -5.48 12.34
C GLY A 143 -9.74 -4.98 12.93
N GLN A 144 -8.74 -5.84 12.91
CA GLN A 144 -7.41 -5.53 13.41
C GLN A 144 -6.72 -4.50 12.52
N ARG A 145 -6.93 -4.60 11.20
CA ARG A 145 -6.33 -3.68 10.23
C ARG A 145 -6.82 -2.28 10.52
N GLN A 146 -8.11 -2.17 10.81
CA GLN A 146 -8.70 -0.87 11.12
C GLN A 146 -8.22 -0.29 12.44
N ARG A 147 -8.11 -1.14 13.46
CA ARG A 147 -7.65 -0.68 14.77
C ARG A 147 -6.23 -0.18 14.67
N LEU A 148 -5.51 -0.68 13.67
CA LEU A 148 -4.14 -0.26 13.48
C LEU A 148 -4.12 1.03 12.74
N ALA A 149 -5.23 1.32 12.06
CA ALA A 149 -5.36 2.57 11.34
C ALA A 149 -5.67 3.68 12.38
N ILE A 150 -6.53 3.31 13.34
CA ILE A 150 -7.00 4.17 14.42
C ILE A 150 -5.79 4.45 15.25
N ALA A 151 -4.86 3.49 15.25
CA ALA A 151 -3.61 3.62 15.98
C ALA A 151 -2.71 4.71 15.39
N ARG A 152 -2.50 4.66 14.08
CA ARG A 152 -1.68 5.67 13.43
C ARG A 152 -2.31 7.04 13.70
N ALA A 153 -3.63 7.05 13.65
CA ALA A 153 -4.41 8.25 13.89
C ALA A 153 -3.98 8.84 15.23
N PHE A 154 -4.20 8.07 16.30
CA PHE A 154 -3.85 8.47 17.65
C PHE A 154 -2.47 9.05 17.83
N LEU A 155 -1.53 8.55 17.04
CA LEU A 155 -0.16 9.01 17.13
C LEU A 155 0.05 10.23 16.25
N ARG A 156 -0.68 10.28 15.13
CA ARG A 156 -0.58 11.41 14.20
C ARG A 156 -1.20 12.62 14.91
N ASN A 157 -2.08 12.30 15.85
CA ASN A 157 -2.85 13.19 16.71
C ASN A 157 -3.47 14.41 16.06
N PRO A 158 -4.49 14.18 15.21
CA PRO A 158 -5.17 15.28 14.52
C PRO A 158 -6.14 16.11 15.39
N LYS A 159 -6.32 17.37 14.99
CA LYS A 159 -7.22 18.31 15.65
C LYS A 159 -8.60 18.10 15.06
N ILE A 160 -8.65 17.71 13.79
CA ILE A 160 -9.90 17.44 13.10
C ILE A 160 -9.86 16.00 12.69
N LEU A 161 -11.00 15.36 12.74
CA LEU A 161 -11.11 13.98 12.38
C LEU A 161 -12.27 13.81 11.44
N MET A 162 -12.04 13.02 10.38
CA MET A 162 -13.02 12.70 9.35
C MET A 162 -13.12 11.19 9.08
N LEU A 163 -14.34 10.65 9.09
CA LEU A 163 -14.58 9.23 8.91
C LEU A 163 -15.54 8.96 7.77
N ASP A 164 -15.74 7.67 7.43
CA ASP A 164 -16.62 7.24 6.35
C ASP A 164 -16.80 5.74 6.41
N GLU A 165 -18.02 5.26 6.26
CA GLU A 165 -18.23 3.82 6.27
C GLU A 165 -18.74 3.33 4.94
N ALA A 166 -18.11 2.26 4.47
CA ALA A 166 -18.45 1.64 3.19
C ALA A 166 -19.12 0.26 3.36
N THR A 167 -18.37 -0.71 3.91
CA THR A 167 -18.89 -2.08 4.13
C THR A 167 -19.70 -2.10 5.40
N ALA A 168 -20.79 -2.86 5.36
CA ALA A 168 -21.70 -3.02 6.51
C ALA A 168 -20.97 -3.37 7.85
N SER A 169 -20.34 -4.55 7.91
CA SER A 169 -19.63 -5.06 9.11
C SER A 169 -20.46 -4.69 10.39
N LEU A 170 -20.10 -3.58 11.05
CA LEU A 170 -20.82 -3.04 12.23
C LEU A 170 -21.94 -2.20 11.58
N ASP A 171 -23.15 -2.79 11.63
CA ASP A 171 -24.39 -2.28 11.03
C ASP A 171 -25.12 -1.19 11.82
N SER A 172 -24.44 -0.66 12.85
CA SER A 172 -24.90 0.40 13.79
C SER A 172 -25.32 -0.19 15.10
N GLU A 173 -25.86 -1.39 15.02
CA GLU A 173 -26.33 -2.07 16.20
C GLU A 173 -25.42 -3.27 16.48
N SER A 174 -24.64 -3.65 15.45
CA SER A 174 -23.68 -4.76 15.49
C SER A 174 -22.60 -4.53 16.55
N GLU A 175 -22.31 -3.25 16.85
CA GLU A 175 -21.35 -2.78 17.89
C GLU A 175 -20.06 -3.62 18.19
N SER A 176 -18.91 -3.07 17.81
CA SER A 176 -17.66 -3.82 18.00
C SER A 176 -16.47 -3.05 18.61
N MET A 177 -15.39 -3.77 18.89
CA MET A 177 -14.20 -3.17 19.49
C MET A 177 -13.49 -2.15 18.60
N VAL A 178 -13.78 -2.17 17.27
CA VAL A 178 -13.22 -1.21 16.31
C VAL A 178 -13.97 0.05 16.56
N GLN A 179 -15.22 -0.10 16.98
CA GLN A 179 -16.05 1.04 17.29
C GLN A 179 -15.67 1.70 18.58
N LYS A 180 -15.21 0.90 19.53
CA LYS A 180 -14.80 1.40 20.84
C LYS A 180 -13.48 2.17 20.67
N ALA A 181 -12.80 1.85 19.56
CA ALA A 181 -11.54 2.48 19.19
C ALA A 181 -11.85 3.80 18.48
N LEU A 182 -13.05 3.86 17.90
CA LEU A 182 -13.52 5.06 17.20
C LEU A 182 -13.95 6.04 18.24
N ASP A 183 -14.67 5.53 19.23
CA ASP A 183 -15.18 6.32 20.32
C ASP A 183 -14.08 6.98 21.13
N SER A 184 -12.93 6.32 21.15
CA SER A 184 -11.81 6.83 21.89
C SER A 184 -11.13 7.87 21.05
N LEU A 185 -11.08 7.62 19.75
CA LEU A 185 -10.42 8.52 18.80
C LEU A 185 -11.14 9.84 18.59
N MET A 186 -12.45 9.82 18.76
CA MET A 186 -13.29 10.97 18.55
C MET A 186 -13.33 11.96 19.68
N LYS A 187 -12.99 11.45 20.86
CA LYS A 187 -13.05 12.24 22.07
C LYS A 187 -12.40 13.58 22.18
N GLY A 188 -11.16 13.72 21.79
CA GLY A 188 -10.59 15.03 21.98
C GLY A 188 -10.63 16.00 20.82
N ARG A 189 -11.32 15.63 19.75
CA ARG A 189 -11.31 16.46 18.55
C ARG A 189 -12.61 17.00 17.90
N THR A 190 -12.59 17.18 16.58
CA THR A 190 -13.75 17.70 15.84
C THR A 190 -14.04 16.62 14.83
N THR A 191 -15.07 15.83 15.07
CA THR A 191 -15.35 14.73 14.17
C THR A 191 -16.37 15.07 13.12
N LEU A 192 -16.14 14.56 11.92
CA LEU A 192 -17.02 14.77 10.78
C LEU A 192 -17.19 13.37 10.20
N VAL A 193 -18.40 12.85 10.06
CA VAL A 193 -18.57 11.49 9.58
C VAL A 193 -19.59 11.42 8.50
N ILE A 194 -19.32 10.69 7.42
CA ILE A 194 -20.30 10.49 6.35
C ILE A 194 -21.03 9.25 6.87
N ALA A 195 -22.19 9.46 7.47
CA ALA A 195 -23.01 8.41 8.08
C ALA A 195 -23.73 7.43 7.18
N HIS A 196 -23.67 6.14 7.52
CA HIS A 196 -24.34 5.05 6.80
C HIS A 196 -24.95 4.05 7.82
N ARG A 197 -24.51 4.16 9.07
CA ARG A 197 -25.02 3.35 10.18
C ARG A 197 -26.04 4.23 10.94
N LEU A 198 -27.27 3.75 11.03
CA LEU A 198 -28.40 4.41 11.71
C LEU A 198 -28.09 4.96 13.10
N SER A 199 -27.33 4.24 13.91
CA SER A 199 -26.97 4.66 15.27
C SER A 199 -26.02 5.84 15.25
N THR A 200 -25.17 5.81 14.23
CA THR A 200 -24.15 6.82 14.01
C THR A 200 -24.84 8.18 13.84
N ILE A 201 -26.03 8.13 13.27
CA ILE A 201 -26.84 9.31 13.03
C ILE A 201 -27.53 9.86 14.28
N VAL A 202 -28.12 8.97 15.07
CA VAL A 202 -28.83 9.35 16.30
C VAL A 202 -27.97 10.10 17.35
N ASP A 203 -26.72 9.67 17.47
CA ASP A 203 -25.78 10.23 18.41
C ASP A 203 -25.06 11.45 17.92
N ALA A 204 -25.13 11.72 16.61
CA ALA A 204 -24.46 12.88 16.06
C ALA A 204 -24.97 14.17 16.68
N ASP A 205 -24.07 14.98 17.18
CA ASP A 205 -24.41 16.23 17.81
C ASP A 205 -25.05 17.28 16.88
N LYS A 206 -25.09 16.99 15.57
CA LYS A 206 -25.68 17.88 14.55
C LYS A 206 -25.67 17.15 13.23
N ILE A 207 -26.78 17.10 12.50
CA ILE A 207 -26.82 16.42 11.19
C ILE A 207 -27.06 17.39 10.02
N TYR A 208 -26.44 17.07 8.89
CA TYR A 208 -26.54 17.87 7.70
C TYR A 208 -27.02 16.94 6.63
N PHE A 209 -28.27 17.06 6.23
CA PHE A 209 -28.83 16.21 5.20
C PHE A 209 -28.47 16.77 3.82
N ILE A 210 -27.76 15.97 3.04
CA ILE A 210 -27.36 16.42 1.70
C ILE A 210 -28.03 15.75 0.52
N GLU A 211 -28.92 16.51 -0.13
CA GLU A 211 -29.67 16.08 -1.31
C GLU A 211 -29.03 16.74 -2.49
N LYS A 212 -28.72 15.93 -3.49
CA LYS A 212 -28.04 16.34 -4.71
C LYS A 212 -27.29 17.72 -4.76
N GLY A 213 -26.26 17.85 -3.91
CA GLY A 213 -25.43 19.04 -3.87
C GLY A 213 -25.92 20.19 -3.05
N GLN A 214 -26.86 19.91 -2.17
CA GLN A 214 -27.44 20.96 -1.33
C GLN A 214 -27.86 20.46 0.05
N ILE A 215 -27.78 21.32 1.05
CA ILE A 215 -28.16 20.93 2.38
C ILE A 215 -29.63 21.21 2.67
N THR A 216 -30.39 20.16 2.89
CA THR A 216 -31.80 20.24 3.19
C THR A 216 -31.92 20.49 4.69
N GLY A 217 -31.50 19.53 5.51
CA GLY A 217 -31.56 19.60 6.97
C GLY A 217 -30.34 20.13 7.69
N SER A 218 -30.52 20.72 8.86
CA SER A 218 -29.41 21.32 9.58
C SER A 218 -29.34 21.09 11.07
N GLY A 219 -30.17 20.23 11.63
CA GLY A 219 -30.08 19.98 13.08
C GLY A 219 -30.18 18.52 13.51
N LYS A 220 -30.49 18.29 14.77
CA LYS A 220 -30.60 16.95 15.32
C LYS A 220 -31.65 16.08 14.69
N HIS A 221 -31.40 14.77 14.74
CA HIS A 221 -32.27 13.70 14.18
C HIS A 221 -33.72 13.83 14.56
N ASN A 222 -33.92 13.81 15.88
CA ASN A 222 -35.19 13.93 16.59
C ASN A 222 -36.08 14.94 15.87
N GLU A 223 -35.58 16.19 15.80
CA GLU A 223 -36.29 17.30 15.18
C GLU A 223 -36.51 17.06 13.70
N LEU A 224 -35.40 16.87 13.00
CA LEU A 224 -35.39 16.68 11.58
C LEU A 224 -36.37 15.69 11.04
N VAL A 225 -36.54 14.57 11.72
CA VAL A 225 -37.45 13.52 11.26
C VAL A 225 -38.90 13.97 11.20
N ALA A 226 -39.35 14.77 12.17
CA ALA A 226 -40.75 15.23 12.18
C ALA A 226 -40.96 16.35 11.15
N THR A 227 -39.91 17.15 11.04
CA THR A 227 -39.85 18.30 10.21
C THR A 227 -39.66 18.09 8.70
N HIS A 228 -38.90 17.06 8.32
CA HIS A 228 -38.60 16.76 6.91
C HIS A 228 -39.10 15.46 6.31
N PRO A 229 -40.08 15.53 5.39
CA PRO A 229 -40.62 14.32 4.76
C PRO A 229 -39.62 13.53 3.96
N LEU A 230 -38.76 14.23 3.24
CA LEU A 230 -37.75 13.59 2.39
C LEU A 230 -36.60 12.99 3.15
N TYR A 231 -36.36 13.53 4.34
CA TYR A 231 -35.28 13.04 5.18
C TYR A 231 -35.75 11.77 5.84
N ALA A 232 -36.91 11.91 6.43
CA ALA A 232 -37.57 10.82 7.11
C ALA A 232 -37.70 9.65 6.13
N LYS A 233 -38.09 9.96 4.90
CA LYS A 233 -38.25 8.92 3.91
C LYS A 233 -36.94 8.33 3.45
N TYR A 234 -35.85 9.09 3.64
CA TYR A 234 -34.53 8.61 3.28
C TYR A 234 -34.14 7.58 4.33
N VAL A 235 -34.45 7.90 5.59
CA VAL A 235 -34.18 7.04 6.77
C VAL A 235 -34.93 5.73 6.73
N SER A 236 -36.09 5.75 6.10
CA SER A 236 -36.85 4.54 6.00
C SER A 236 -36.30 3.68 4.86
N GLU A 237 -36.50 4.17 3.65
CA GLU A 237 -36.13 3.48 2.43
C GLU A 237 -34.69 3.00 2.37
N GLN A 238 -33.74 3.90 2.09
CA GLN A 238 -32.36 3.48 1.95
C GLN A 238 -31.54 3.08 3.20
N LEU A 239 -31.41 4.01 4.15
CA LEU A 239 -30.62 3.80 5.37
C LEU A 239 -30.74 2.50 6.19
N THR A 240 -31.93 2.26 6.75
CA THR A 240 -32.20 1.09 7.61
C THR A 240 -32.25 -0.25 6.86
N VAL A 241 -33.18 -0.32 5.91
CA VAL A 241 -33.48 -1.50 5.06
C VAL A 241 -32.94 -1.47 3.60
N GLY A 242 -33.62 -0.79 2.66
CA GLY A 242 -33.23 -0.74 1.25
C GLY A 242 -31.79 -0.49 0.76
N MET B 1 -10.61 -32.86 20.40
CA MET B 1 -9.10 -32.81 20.24
C MET B 1 -8.53 -31.81 19.22
N LEU B 2 -7.21 -31.61 19.32
CA LEU B 2 -6.44 -30.73 18.43
C LEU B 2 -5.34 -31.60 17.81
N SER B 3 -5.42 -31.86 16.51
CA SER B 3 -4.40 -32.73 15.96
C SER B 3 -3.44 -32.02 14.99
N ALA B 4 -2.16 -31.88 15.35
CA ALA B 4 -1.21 -31.31 14.41
C ALA B 4 -0.88 -32.50 13.54
N ARG B 5 -1.60 -32.57 12.43
CA ARG B 5 -1.42 -33.67 11.50
C ARG B 5 -0.41 -33.28 10.43
N HIS B 6 0.82 -33.80 10.60
CA HIS B 6 1.96 -33.61 9.69
C HIS B 6 2.12 -32.20 9.22
N VAL B 7 3.03 -31.48 9.84
CA VAL B 7 3.18 -30.11 9.47
C VAL B 7 4.58 -29.76 9.07
N ASP B 8 4.77 -29.52 7.80
CA ASP B 8 6.07 -29.09 7.30
C ASP B 8 5.95 -27.57 7.18
N PHE B 9 6.99 -26.86 7.57
CA PHE B 9 6.98 -25.39 7.51
C PHE B 9 8.30 -24.68 7.31
N ALA B 10 8.22 -23.52 6.66
CA ALA B 10 9.37 -22.67 6.38
C ALA B 10 8.91 -21.24 6.05
N TYR B 11 9.73 -20.26 6.43
CA TYR B 11 9.47 -18.83 6.12
C TYR B 11 10.11 -18.54 4.71
N ASP B 12 11.41 -18.79 4.66
CA ASP B 12 12.23 -18.63 3.47
C ASP B 12 12.48 -20.03 2.93
N ASP B 13 13.08 -20.05 1.75
CA ASP B 13 13.41 -21.27 1.01
C ASP B 13 14.60 -22.12 1.57
N SER B 14 15.60 -21.45 2.15
CA SER B 14 16.80 -22.07 2.73
C SER B 14 16.60 -22.86 4.02
N GLU B 15 16.17 -22.17 5.06
CA GLU B 15 15.90 -22.80 6.33
C GLU B 15 14.47 -23.42 6.30
N GLN B 16 14.41 -24.73 6.40
CA GLN B 16 13.12 -25.40 6.44
C GLN B 16 12.94 -25.61 7.89
N ILE B 17 12.23 -24.66 8.49
CA ILE B 17 12.00 -24.62 9.93
C ILE B 17 11.31 -25.76 10.68
N LEU B 18 10.20 -26.25 10.16
CA LEU B 18 9.53 -27.35 10.82
C LEU B 18 9.37 -28.49 9.82
N ARG B 19 9.78 -29.68 10.24
CA ARG B 19 9.69 -30.91 9.44
C ARG B 19 8.37 -31.60 9.77
N ASP B 20 8.26 -32.92 9.70
CA ASP B 20 6.98 -33.52 10.00
C ASP B 20 6.65 -33.44 11.47
N ILE B 21 5.77 -32.50 11.78
CA ILE B 21 5.33 -32.33 13.13
C ILE B 21 4.01 -33.00 13.20
N SER B 22 3.78 -33.65 14.33
CA SER B 22 2.57 -34.39 14.54
C SER B 22 2.29 -34.57 16.02
N PHE B 23 1.53 -33.65 16.56
CA PHE B 23 1.12 -33.75 17.95
C PHE B 23 -0.41 -33.75 18.05
N GLU B 24 -0.95 -34.21 19.18
CA GLU B 24 -2.40 -34.28 19.44
C GLU B 24 -2.65 -33.89 20.90
N ALA B 25 -3.53 -32.92 21.15
CA ALA B 25 -3.85 -32.44 22.52
C ALA B 25 -5.35 -32.65 22.95
N GLN B 26 -5.56 -33.13 24.19
CA GLN B 26 -6.90 -33.49 24.72
C GLN B 26 -7.37 -32.62 25.91
N PRO B 27 -8.67 -32.73 26.33
CA PRO B 27 -9.17 -31.92 27.48
C PRO B 27 -8.49 -32.23 28.78
N ASN B 28 -8.23 -31.20 29.58
CA ASN B 28 -7.60 -31.33 30.90
C ASN B 28 -6.22 -31.97 30.94
N SER B 29 -5.67 -32.14 29.74
CA SER B 29 -4.35 -32.69 29.54
C SER B 29 -3.51 -31.52 29.10
N ILE B 30 -2.49 -31.30 29.89
CA ILE B 30 -1.55 -30.24 29.64
C ILE B 30 -0.35 -30.81 28.85
N ILE B 31 -0.19 -30.36 27.60
CA ILE B 31 0.94 -30.79 26.82
C ILE B 31 1.97 -29.66 26.84
N ALA B 32 3.23 -30.02 26.78
CA ALA B 32 4.31 -29.05 26.78
C ALA B 32 5.15 -29.18 25.52
N PHE B 33 5.95 -28.17 25.26
CA PHE B 33 6.84 -28.16 24.12
C PHE B 33 8.13 -27.59 24.67
N ALA B 34 9.11 -28.44 24.94
CA ALA B 34 10.41 -28.03 25.48
C ALA B 34 11.49 -28.19 24.42
N GLY B 35 12.55 -27.39 24.51
CA GLY B 35 13.63 -27.46 23.53
C GLY B 35 14.56 -26.28 23.38
N PRO B 36 15.75 -26.42 22.71
CA PRO B 36 16.72 -25.35 22.52
C PRO B 36 16.13 -24.22 21.73
N SER B 37 16.52 -22.99 22.07
CA SER B 37 16.02 -21.82 21.35
C SER B 37 16.48 -21.90 19.91
N GLY B 38 15.50 -22.17 19.06
CA GLY B 38 15.75 -22.34 17.66
C GLY B 38 14.88 -23.49 17.28
N GLY B 39 14.47 -24.24 18.31
CA GLY B 39 13.60 -25.40 18.15
C GLY B 39 12.43 -25.14 17.24
N GLY B 40 11.81 -23.98 17.38
CA GLY B 40 10.66 -23.64 16.55
C GLY B 40 9.39 -23.72 17.36
N LYS B 41 9.55 -23.65 18.67
CA LYS B 41 8.41 -23.72 19.57
C LYS B 41 7.42 -22.56 19.31
N SER B 42 7.89 -21.33 19.41
CA SER B 42 7.04 -20.18 19.21
C SER B 42 6.49 -20.26 17.86
N THR B 43 7.26 -20.80 16.92
CA THR B 43 6.81 -20.90 15.54
C THR B 43 5.63 -21.84 15.49
N ILE B 44 5.64 -22.84 16.37
CA ILE B 44 4.52 -23.78 16.41
C ILE B 44 3.37 -22.93 16.86
N PHE B 45 3.55 -22.24 17.99
CA PHE B 45 2.50 -21.39 18.51
C PHE B 45 2.01 -20.34 17.52
N SER B 46 2.88 -19.85 16.64
CA SER B 46 2.48 -18.87 15.66
C SER B 46 1.58 -19.49 14.62
N LEU B 47 1.72 -20.79 14.42
CA LEU B 47 0.89 -21.50 13.46
C LEU B 47 -0.38 -21.95 14.18
N LEU B 48 -0.27 -22.12 15.48
CA LEU B 48 -1.43 -22.50 16.25
C LEU B 48 -2.23 -21.21 16.38
N GLU B 49 -1.51 -20.09 16.49
CA GLU B 49 -2.17 -18.81 16.65
C GLU B 49 -2.57 -18.24 15.33
N ARG B 50 -2.41 -19.04 14.28
CA ARG B 50 -2.81 -18.71 12.93
C ARG B 50 -2.14 -17.52 12.24
N PHE B 51 -1.07 -16.99 12.79
CA PHE B 51 -0.43 -15.89 12.12
C PHE B 51 0.16 -16.32 10.76
N TYR B 52 0.58 -17.59 10.67
CA TYR B 52 1.15 -18.15 9.44
C TYR B 52 0.41 -19.44 8.99
N GLN B 53 0.83 -19.95 7.83
CA GLN B 53 0.25 -21.17 7.20
C GLN B 53 1.18 -22.36 7.31
N PRO B 54 0.66 -23.61 7.24
CA PRO B 54 1.52 -24.81 7.30
C PRO B 54 1.89 -25.01 5.83
N THR B 55 3.06 -25.54 5.47
CA THR B 55 3.33 -25.72 4.03
C THR B 55 2.70 -27.02 3.59
N ALA B 56 2.90 -28.06 4.39
CA ALA B 56 2.34 -29.36 4.07
C ALA B 56 1.61 -29.83 5.30
N GLY B 57 0.39 -30.35 5.10
CA GLY B 57 -0.41 -30.87 6.20
C GLY B 57 -1.41 -29.93 6.86
N GLU B 58 -2.08 -30.43 7.89
CA GLU B 58 -3.10 -29.64 8.57
C GLU B 58 -3.13 -29.73 10.08
N ILE B 59 -3.62 -28.69 10.75
CA ILE B 59 -3.78 -28.75 12.20
C ILE B 59 -5.32 -28.94 12.33
N THR B 60 -5.74 -30.06 12.89
CA THR B 60 -7.15 -30.41 12.94
C THR B 60 -7.84 -30.48 14.25
N ILE B 61 -8.81 -29.56 14.40
CA ILE B 61 -9.61 -29.55 15.61
C ILE B 61 -10.86 -30.42 15.42
N ASP B 62 -11.02 -31.38 16.33
CA ASP B 62 -12.14 -32.33 16.31
C ASP B 62 -12.37 -32.97 14.90
N GLY B 63 -11.27 -33.32 14.22
CA GLY B 63 -11.34 -33.92 12.90
C GLY B 63 -11.47 -32.89 11.80
N GLN B 64 -12.26 -31.84 12.05
CA GLN B 64 -12.48 -30.77 11.07
C GLN B 64 -11.35 -29.77 11.17
N PRO B 65 -10.64 -29.53 10.05
CA PRO B 65 -9.54 -28.58 9.99
C PRO B 65 -9.78 -27.26 10.68
N ILE B 66 -8.70 -26.65 11.11
CA ILE B 66 -8.76 -25.35 11.73
C ILE B 66 -9.04 -24.38 10.59
N ASP B 67 -8.61 -24.72 9.38
CA ASP B 67 -8.83 -23.83 8.26
C ASP B 67 -10.21 -23.92 7.61
N ASN B 68 -11.16 -24.22 8.48
CA ASN B 68 -12.57 -24.31 8.13
C ASN B 68 -13.39 -23.47 9.09
N ILE B 69 -12.69 -22.60 9.80
CA ILE B 69 -13.28 -21.64 10.73
C ILE B 69 -12.77 -20.27 10.26
N SER B 70 -13.57 -19.30 10.69
CA SER B 70 -13.41 -17.90 10.42
C SER B 70 -12.17 -17.31 11.08
N LEU B 71 -12.06 -16.01 10.90
CA LEU B 71 -10.96 -15.23 11.41
C LEU B 71 -11.25 -14.78 12.84
N GLU B 72 -12.51 -14.90 13.31
CA GLU B 72 -12.88 -14.40 14.66
C GLU B 72 -13.59 -15.30 15.71
N ASN B 73 -13.20 -16.56 15.78
CA ASN B 73 -13.78 -17.48 16.75
C ASN B 73 -12.59 -18.26 17.24
N TRP B 74 -11.79 -18.63 16.24
CA TRP B 74 -10.55 -19.38 16.41
C TRP B 74 -9.61 -18.50 17.22
N ARG B 75 -9.38 -17.26 16.74
CA ARG B 75 -8.51 -16.32 17.43
C ARG B 75 -8.98 -16.02 18.86
N SER B 76 -10.10 -15.30 19.01
CA SER B 76 -10.61 -14.89 20.33
C SER B 76 -11.21 -15.91 21.31
N GLN B 77 -11.97 -16.87 20.81
CA GLN B 77 -12.64 -17.79 21.71
C GLN B 77 -11.87 -19.02 22.16
N ILE B 78 -11.31 -19.67 21.18
CA ILE B 78 -10.56 -20.89 21.36
C ILE B 78 -9.04 -20.55 21.53
N GLY B 79 -8.58 -19.64 20.69
CA GLY B 79 -7.20 -19.18 20.69
C GLY B 79 -7.02 -18.26 21.85
N PHE B 80 -6.11 -18.68 22.68
CA PHE B 80 -5.86 -17.89 23.82
C PHE B 80 -4.39 -17.89 24.11
N VAL B 81 -3.94 -16.83 24.73
CA VAL B 81 -2.57 -16.81 25.15
C VAL B 81 -2.65 -16.10 26.47
N SER B 82 -2.12 -16.76 27.52
CA SER B 82 -2.07 -16.22 28.86
C SER B 82 -1.46 -14.88 28.65
N GLN B 83 -1.99 -13.91 29.35
CA GLN B 83 -1.47 -12.57 29.14
C GLN B 83 -0.37 -12.06 30.05
N ASP B 84 -0.33 -12.59 31.28
CA ASP B 84 0.62 -12.31 32.38
C ASP B 84 1.61 -11.09 32.31
N SER B 85 2.42 -11.05 31.25
CA SER B 85 3.45 -10.01 30.99
C SER B 85 2.93 -8.81 30.16
N ALA B 86 1.60 -8.75 29.96
CA ALA B 86 0.93 -7.71 29.15
C ALA B 86 1.30 -6.29 29.55
N ILE B 87 1.45 -6.14 30.87
CA ILE B 87 1.73 -4.89 31.59
C ILE B 87 0.67 -3.87 31.24
N MET B 88 -0.22 -3.80 32.22
CA MET B 88 -1.42 -3.00 32.19
C MET B 88 -1.51 -1.91 33.28
N ALA B 89 -2.35 -0.92 33.00
CA ALA B 89 -2.59 0.19 33.92
C ALA B 89 -3.78 0.99 33.43
N GLY B 90 -4.61 1.40 34.39
CA GLY B 90 -5.78 2.19 34.09
C GLY B 90 -6.59 2.17 35.35
N THR B 91 -7.52 1.24 35.36
CA THR B 91 -8.46 1.04 36.45
C THR B 91 -8.45 -0.47 36.57
N ILE B 92 -8.86 -1.01 37.71
CA ILE B 92 -8.89 -2.45 37.87
C ILE B 92 -9.95 -3.02 36.99
N ARG B 93 -11.07 -2.30 36.93
CA ARG B 93 -12.20 -2.70 36.10
C ARG B 93 -11.79 -2.66 34.64
N GLU B 94 -11.19 -1.54 34.24
CA GLU B 94 -10.78 -1.33 32.85
C GLU B 94 -9.70 -2.26 32.27
N ASN B 95 -8.74 -2.64 33.12
CA ASN B 95 -7.69 -3.55 32.70
C ASN B 95 -8.26 -4.93 32.48
N LEU B 96 -9.16 -5.34 33.38
CA LEU B 96 -9.82 -6.64 33.35
C LEU B 96 -10.88 -6.76 32.24
N THR B 97 -11.40 -5.59 31.86
CA THR B 97 -12.46 -5.39 30.88
C THR B 97 -11.92 -5.27 29.45
N TYR B 98 -10.62 -5.04 29.32
CA TYR B 98 -9.91 -4.85 28.03
C TYR B 98 -10.24 -5.75 26.80
N GLY B 99 -11.10 -5.21 25.93
CA GLY B 99 -11.56 -5.83 24.67
C GLY B 99 -12.27 -7.18 24.66
N LEU B 100 -13.24 -7.34 25.56
CA LEU B 100 -14.00 -8.61 25.67
C LEU B 100 -15.24 -8.84 24.77
N GLU B 101 -15.91 -7.75 24.38
CA GLU B 101 -17.10 -7.72 23.49
C GLU B 101 -18.50 -7.44 24.11
N GLY B 102 -18.55 -7.19 25.43
CA GLY B 102 -19.83 -6.90 26.06
C GLY B 102 -19.78 -5.97 27.25
N ASP B 103 -20.94 -5.88 27.91
CA ASP B 103 -21.05 -5.07 29.12
C ASP B 103 -20.89 -6.06 30.26
N TYR B 104 -20.35 -5.58 31.37
CA TYR B 104 -20.07 -6.47 32.48
C TYR B 104 -20.75 -6.33 33.81
N THR B 105 -20.51 -7.32 34.64
CA THR B 105 -21.17 -7.35 35.94
C THR B 105 -20.11 -7.46 36.99
N ASP B 106 -20.30 -6.66 38.04
CA ASP B 106 -19.44 -6.61 39.22
C ASP B 106 -19.55 -8.01 39.86
N GLU B 107 -20.77 -8.60 39.84
CA GLU B 107 -21.06 -9.95 40.36
C GLU B 107 -20.41 -11.04 39.48
N ASP B 108 -20.28 -10.79 38.17
CA ASP B 108 -19.61 -11.70 37.21
C ASP B 108 -18.11 -11.51 37.48
N LEU B 109 -17.72 -10.27 37.75
CA LEU B 109 -16.33 -9.93 38.03
C LEU B 109 -15.86 -10.46 39.35
N TRP B 110 -16.77 -10.56 40.30
CA TRP B 110 -16.39 -11.08 41.58
C TRP B 110 -16.36 -12.59 41.47
N GLN B 111 -17.19 -13.15 40.59
CA GLN B 111 -17.22 -14.60 40.40
C GLN B 111 -15.84 -15.09 39.84
N VAL B 112 -15.21 -14.22 39.05
CA VAL B 112 -13.91 -14.47 38.39
C VAL B 112 -12.66 -14.16 39.22
N LEU B 113 -12.76 -13.22 40.17
CA LEU B 113 -11.65 -12.83 41.05
C LEU B 113 -11.48 -13.82 42.20
N ASP B 114 -12.57 -14.51 42.49
CA ASP B 114 -12.61 -15.53 43.51
C ASP B 114 -11.97 -16.75 42.88
N LEU B 115 -12.35 -16.98 41.61
CA LEU B 115 -11.90 -18.09 40.78
C LEU B 115 -10.43 -17.95 40.38
N ALA B 116 -9.96 -16.72 40.31
CA ALA B 116 -8.59 -16.37 39.96
C ALA B 116 -7.74 -16.29 41.22
N PHE B 117 -8.45 -16.14 42.34
CA PHE B 117 -7.92 -15.99 43.71
C PHE B 117 -7.19 -14.66 43.72
N ALA B 118 -7.96 -13.62 43.45
CA ALA B 118 -7.42 -12.28 43.38
C ALA B 118 -8.28 -11.32 44.21
N ARG B 119 -9.30 -11.89 44.86
CA ARG B 119 -10.30 -11.17 45.64
C ARG B 119 -9.81 -10.34 46.81
N SER B 120 -8.51 -10.22 47.00
CA SER B 120 -8.14 -9.47 48.17
C SER B 120 -7.57 -8.11 47.95
N PHE B 121 -6.55 -8.01 47.10
CA PHE B 121 -5.96 -6.70 46.82
C PHE B 121 -7.17 -5.86 46.34
N VAL B 122 -8.09 -6.54 45.61
CA VAL B 122 -9.31 -5.90 45.07
C VAL B 122 -10.17 -5.43 46.26
N GLU B 123 -10.51 -6.36 47.16
CA GLU B 123 -11.30 -6.06 48.35
C GLU B 123 -10.66 -5.06 49.30
N ASN B 124 -9.47 -4.56 48.99
CA ASN B 124 -8.82 -3.56 49.86
C ASN B 124 -8.68 -2.14 49.34
N MET B 125 -8.28 -2.00 48.07
CA MET B 125 -8.14 -0.68 47.42
C MET B 125 -9.59 -0.23 47.37
N PRO B 126 -10.01 0.73 48.25
CA PRO B 126 -11.40 1.21 48.31
C PRO B 126 -12.28 1.95 47.27
N ASP B 127 -11.97 1.82 45.98
CA ASP B 127 -12.89 2.31 44.96
C ASP B 127 -13.00 0.97 44.25
N GLN B 128 -12.62 -0.08 45.00
CA GLN B 128 -12.56 -1.48 44.60
C GLN B 128 -13.37 -1.76 43.37
N LEU B 129 -12.66 -2.33 42.39
CA LEU B 129 -13.19 -2.68 41.08
C LEU B 129 -13.09 -1.45 40.16
N ASN B 130 -13.16 -0.22 40.69
CA ASN B 130 -13.04 1.00 39.86
C ASN B 130 -11.73 1.73 40.22
N THR B 131 -10.96 1.14 41.12
CA THR B 131 -9.71 1.72 41.60
C THR B 131 -8.69 1.93 40.50
N GLU B 132 -7.79 2.88 40.77
CA GLU B 132 -6.69 3.20 39.88
C GLU B 132 -5.54 2.31 40.29
N VAL B 133 -4.85 1.82 39.28
CA VAL B 133 -3.78 0.92 39.51
C VAL B 133 -2.85 1.19 38.31
N GLY B 134 -1.70 1.79 38.59
CA GLY B 134 -0.77 2.08 37.51
C GLY B 134 0.25 3.15 37.76
N GLU B 135 0.68 3.77 36.65
CA GLU B 135 1.67 4.86 36.60
C GLU B 135 1.10 6.10 37.29
N ARG B 136 -0.19 6.00 37.63
CA ARG B 136 -0.94 7.03 38.34
C ARG B 136 -0.95 6.77 39.88
N GLY B 137 -1.84 5.89 40.37
CA GLY B 137 -1.92 5.60 41.81
C GLY B 137 -2.34 4.18 42.18
N VAL B 138 -2.11 3.83 43.46
CA VAL B 138 -2.38 2.51 44.09
C VAL B 138 -1.64 1.55 43.18
N LYS B 139 -0.32 1.68 43.21
CA LYS B 139 0.62 0.93 42.39
C LYS B 139 0.40 -0.56 42.30
N ILE B 140 1.05 -1.17 41.32
CA ILE B 140 0.95 -2.60 41.14
C ILE B 140 2.29 -3.31 41.27
N SER B 141 2.23 -4.62 41.49
CA SER B 141 3.41 -5.43 41.60
C SER B 141 3.19 -6.72 40.86
N GLY B 142 4.34 -7.23 40.43
CA GLY B 142 4.46 -8.48 39.71
C GLY B 142 4.00 -9.56 40.67
N GLY B 143 2.80 -10.04 40.37
CA GLY B 143 2.17 -11.07 41.16
C GLY B 143 0.70 -10.82 40.98
N GLN B 144 0.35 -9.63 41.39
CA GLN B 144 -0.99 -9.20 41.32
C GLN B 144 -1.35 -9.06 39.84
N ARG B 145 -0.44 -8.39 39.13
CA ARG B 145 -0.55 -8.08 37.71
C ARG B 145 -0.95 -9.25 36.88
N GLN B 146 -0.31 -10.36 37.22
CA GLN B 146 -0.47 -11.61 36.50
C GLN B 146 -1.75 -12.37 36.86
N ARG B 147 -2.17 -12.25 38.12
CA ARG B 147 -3.40 -12.91 38.56
C ARG B 147 -4.63 -12.36 37.84
N LEU B 148 -4.56 -11.09 37.43
CA LEU B 148 -5.64 -10.39 36.72
C LEU B 148 -5.64 -10.74 35.28
N ALA B 149 -4.46 -11.09 34.78
CA ALA B 149 -4.27 -11.45 33.38
C ALA B 149 -4.85 -12.82 33.20
N ILE B 150 -4.81 -13.54 34.30
CA ILE B 150 -5.36 -14.87 34.40
C ILE B 150 -6.88 -14.75 34.59
N ALA B 151 -7.33 -13.71 35.31
CA ALA B 151 -8.74 -13.52 35.55
C ALA B 151 -9.43 -13.14 34.26
N ARG B 152 -8.76 -12.31 33.45
CA ARG B 152 -9.29 -11.86 32.15
C ARG B 152 -9.66 -13.10 31.39
N ALA B 153 -8.71 -14.02 31.46
CA ALA B 153 -8.76 -15.31 30.82
C ALA B 153 -10.08 -15.98 31.04
N PHE B 154 -10.43 -16.05 32.33
CA PHE B 154 -11.64 -16.68 32.79
C PHE B 154 -12.87 -16.08 32.13
N LEU B 155 -12.83 -14.76 31.97
CA LEU B 155 -13.93 -14.01 31.36
C LEU B 155 -14.10 -14.44 29.90
N ARG B 156 -12.96 -14.66 29.23
CA ARG B 156 -12.90 -15.08 27.82
C ARG B 156 -13.34 -16.51 27.67
N ASN B 157 -13.08 -17.26 28.75
CA ASN B 157 -13.41 -18.69 28.96
C ASN B 157 -12.87 -19.81 28.01
N PRO B 158 -11.83 -19.52 27.18
CA PRO B 158 -11.24 -20.46 26.21
C PRO B 158 -11.27 -21.97 26.33
N LYS B 159 -11.35 -22.56 25.15
CA LYS B 159 -11.39 -24.00 25.03
C LYS B 159 -9.98 -24.51 24.83
N ILE B 160 -9.12 -23.62 24.32
CA ILE B 160 -7.73 -23.93 24.10
C ILE B 160 -6.90 -22.87 24.76
N LEU B 161 -6.00 -23.31 25.62
CA LEU B 161 -5.14 -22.41 26.35
C LEU B 161 -3.67 -22.49 25.88
N MET B 162 -3.06 -21.33 25.60
CA MET B 162 -1.66 -21.26 25.17
C MET B 162 -0.79 -20.43 26.09
N LEU B 163 0.34 -21.02 26.46
CA LEU B 163 1.30 -20.36 27.31
C LEU B 163 2.67 -20.32 26.69
N ASP B 164 3.47 -19.43 27.23
CA ASP B 164 4.82 -19.24 26.83
C ASP B 164 5.21 -18.76 28.21
N GLU B 165 6.02 -19.55 28.90
CA GLU B 165 6.44 -19.20 30.24
C GLU B 165 7.55 -18.20 30.35
N ALA B 166 7.86 -17.82 31.57
CA ALA B 166 8.90 -16.84 31.75
C ALA B 166 10.19 -17.41 32.30
N THR B 167 11.29 -16.78 31.85
CA THR B 167 12.69 -17.07 32.25
C THR B 167 12.93 -16.03 33.39
N ALA B 168 11.81 -15.49 33.87
CA ALA B 168 11.75 -14.49 34.96
C ALA B 168 10.76 -15.05 35.99
N SER B 169 11.29 -15.67 37.06
CA SER B 169 10.43 -16.23 38.09
C SER B 169 10.60 -15.38 39.32
N LEU B 170 9.52 -14.72 39.74
CA LEU B 170 9.52 -13.88 40.94
C LEU B 170 9.29 -14.81 42.11
N ASP B 171 10.17 -14.68 43.09
CA ASP B 171 10.15 -15.53 44.26
C ASP B 171 8.94 -15.43 45.23
N SER B 172 8.50 -16.60 45.72
CA SER B 172 7.42 -16.84 46.69
C SER B 172 5.94 -16.63 46.34
N GLU B 173 5.62 -15.47 45.74
CA GLU B 173 4.22 -15.16 45.36
C GLU B 173 3.91 -15.78 44.00
N SER B 174 4.98 -16.33 43.42
CA SER B 174 4.94 -17.01 42.12
C SER B 174 3.95 -18.16 42.14
N GLU B 175 3.84 -18.85 43.27
CA GLU B 175 2.87 -19.96 43.33
C GLU B 175 1.44 -19.41 43.47
N SER B 176 1.28 -18.42 44.38
CA SER B 176 -0.01 -17.78 44.66
C SER B 176 -0.66 -17.26 43.38
N MET B 177 0.22 -17.08 42.38
CA MET B 177 -0.15 -16.66 41.03
C MET B 177 -0.14 -17.89 40.12
N VAL B 178 1.06 -18.21 39.65
CA VAL B 178 1.35 -19.29 38.73
C VAL B 178 0.65 -20.58 39.12
N GLN B 179 0.96 -21.06 40.32
CA GLN B 179 0.40 -22.33 40.75
C GLN B 179 -1.03 -22.39 41.35
N LYS B 180 -1.73 -21.26 41.35
CA LYS B 180 -3.11 -21.28 41.86
C LYS B 180 -4.02 -20.98 40.71
N ALA B 181 -3.80 -19.77 40.23
CA ALA B 181 -4.51 -19.19 39.16
C ALA B 181 -4.30 -20.00 37.88
N LEU B 182 -3.05 -20.33 37.52
CA LEU B 182 -2.84 -21.11 36.29
C LEU B 182 -3.55 -22.42 36.46
N ASP B 183 -3.37 -22.99 37.64
CA ASP B 183 -3.99 -24.24 37.95
C ASP B 183 -5.46 -24.29 37.58
N SER B 184 -6.27 -23.36 38.12
CA SER B 184 -7.72 -23.27 37.87
C SER B 184 -8.09 -22.91 36.42
N LEU B 185 -7.23 -22.13 35.76
CA LEU B 185 -7.40 -21.78 34.37
C LEU B 185 -7.26 -23.04 33.54
N MET B 186 -6.07 -23.64 33.60
CA MET B 186 -5.76 -24.88 32.87
C MET B 186 -6.68 -26.03 33.20
N LYS B 187 -7.34 -25.94 34.37
CA LYS B 187 -8.23 -26.98 34.88
C LYS B 187 -9.45 -27.55 34.16
N GLY B 188 -10.05 -26.81 33.25
CA GLY B 188 -11.22 -27.37 32.59
C GLY B 188 -11.05 -27.63 31.10
N ARG B 189 -10.00 -27.02 30.53
CA ARG B 189 -9.73 -27.09 29.08
C ARG B 189 -8.39 -27.63 28.50
N THR B 190 -8.36 -27.72 27.17
CA THR B 190 -7.17 -28.17 26.42
C THR B 190 -5.98 -27.17 26.57
N THR B 191 -4.99 -27.47 27.41
CA THR B 191 -3.79 -26.59 27.59
C THR B 191 -2.52 -27.03 26.79
N LEU B 192 -1.78 -26.04 26.25
CA LEU B 192 -0.54 -26.26 25.51
C LEU B 192 0.48 -25.27 26.04
N VAL B 193 1.62 -25.78 26.48
CA VAL B 193 2.64 -24.92 27.05
C VAL B 193 3.93 -24.97 26.24
N ILE B 194 4.77 -23.98 26.52
CA ILE B 194 6.10 -23.82 26.00
C ILE B 194 6.72 -23.63 27.38
N ALA B 195 7.17 -24.74 27.95
CA ALA B 195 7.74 -24.81 29.30
C ALA B 195 9.13 -24.25 29.58
N HIS B 196 9.20 -23.24 30.43
CA HIS B 196 10.49 -22.69 30.82
C HIS B 196 10.59 -22.84 32.34
N ARG B 197 9.81 -23.79 32.86
CA ARG B 197 9.75 -24.13 34.28
C ARG B 197 9.66 -25.61 34.36
N LEU B 198 10.32 -26.15 35.36
CA LEU B 198 10.34 -27.58 35.58
C LEU B 198 9.00 -28.06 36.09
N SER B 199 8.41 -27.25 36.96
CA SER B 199 7.13 -27.51 37.62
C SER B 199 6.11 -28.00 36.65
N THR B 200 6.05 -27.29 35.53
CA THR B 200 5.13 -27.54 34.44
C THR B 200 5.20 -28.97 33.88
N ILE B 201 6.40 -29.28 33.40
CA ILE B 201 6.78 -30.55 32.80
C ILE B 201 6.38 -31.79 33.58
N VAL B 202 6.65 -31.73 34.87
CA VAL B 202 6.35 -32.80 35.80
C VAL B 202 4.91 -33.18 35.75
N ASP B 203 4.06 -32.15 35.79
CA ASP B 203 2.61 -32.28 35.82
C ASP B 203 2.03 -32.51 34.46
N ALA B 204 2.74 -32.09 33.41
CA ALA B 204 2.28 -32.24 32.05
C ALA B 204 1.89 -33.67 31.78
N ASP B 205 0.82 -33.81 31.05
CA ASP B 205 0.30 -35.11 30.79
C ASP B 205 0.99 -35.79 29.59
N LYS B 206 1.78 -35.00 28.85
CA LYS B 206 2.56 -35.44 27.68
C LYS B 206 3.45 -34.31 27.10
N ILE B 207 4.76 -34.60 27.02
CA ILE B 207 5.82 -33.68 26.52
C ILE B 207 6.19 -33.97 25.08
N TYR B 208 6.56 -32.93 24.36
CA TYR B 208 6.98 -33.04 23.00
C TYR B 208 8.31 -32.34 22.93
N PHE B 209 9.41 -33.10 22.73
CA PHE B 209 10.77 -32.54 22.70
C PHE B 209 11.24 -32.11 21.34
N ILE B 210 11.40 -30.80 21.19
CA ILE B 210 11.80 -30.22 19.94
C ILE B 210 13.20 -29.71 19.97
N GLU B 211 13.97 -30.37 19.13
CA GLU B 211 15.37 -30.13 18.89
C GLU B 211 15.53 -29.87 17.39
N LYS B 212 16.03 -28.68 17.05
CA LYS B 212 16.24 -28.25 15.66
C LYS B 212 15.13 -28.60 14.67
N GLY B 213 13.90 -28.20 14.94
CA GLY B 213 12.80 -28.45 14.01
C GLY B 213 12.01 -29.76 14.01
N GLN B 214 12.48 -30.77 14.72
CA GLN B 214 11.77 -32.05 14.75
C GLN B 214 11.41 -32.40 16.14
N ILE B 215 10.54 -33.37 16.33
CA ILE B 215 10.18 -33.81 17.67
C ILE B 215 11.05 -35.03 17.85
N THR B 216 11.62 -35.17 19.03
CA THR B 216 12.48 -36.29 19.34
C THR B 216 11.93 -37.07 20.50
N GLY B 217 10.95 -36.52 21.22
CA GLY B 217 10.35 -37.24 22.35
C GLY B 217 8.85 -37.09 22.48
N SER B 218 8.13 -38.18 22.72
CA SER B 218 6.69 -38.09 22.92
C SER B 218 6.33 -38.97 24.10
N GLY B 219 6.47 -38.42 25.30
CA GLY B 219 6.14 -39.16 26.50
C GLY B 219 6.12 -38.26 27.72
N LYS B 220 5.90 -38.82 28.89
CA LYS B 220 5.92 -38.00 30.08
C LYS B 220 7.32 -37.87 30.58
N HIS B 221 7.59 -36.80 31.29
CA HIS B 221 8.91 -36.50 31.83
C HIS B 221 9.76 -37.68 32.30
N ASN B 222 9.24 -38.53 33.18
CA ASN B 222 10.05 -39.64 33.66
C ASN B 222 10.33 -40.71 32.58
N GLU B 223 9.41 -40.85 31.62
CA GLU B 223 9.57 -41.79 30.53
C GLU B 223 10.69 -41.20 29.66
N LEU B 224 10.59 -39.90 29.30
CA LEU B 224 11.59 -39.22 28.48
C LEU B 224 12.96 -39.05 29.17
N VAL B 225 12.98 -38.78 30.46
CA VAL B 225 14.21 -38.53 31.17
C VAL B 225 15.16 -39.71 31.18
N ALA B 226 14.57 -40.89 31.26
CA ALA B 226 15.35 -42.10 31.30
C ALA B 226 15.75 -42.59 29.89
N THR B 227 15.09 -42.06 28.89
CA THR B 227 15.23 -42.52 27.55
C THR B 227 15.86 -41.54 26.61
N HIS B 228 16.12 -40.34 27.06
CA HIS B 228 16.66 -39.36 26.16
C HIS B 228 17.68 -38.47 26.86
N PRO B 229 18.97 -38.82 26.77
CA PRO B 229 20.05 -38.07 27.39
C PRO B 229 20.12 -36.62 27.05
N LEU B 230 19.58 -36.23 25.92
CA LEU B 230 19.61 -34.83 25.56
C LEU B 230 18.49 -34.07 26.25
N TYR B 231 17.35 -34.75 26.51
CA TYR B 231 16.20 -34.14 27.19
C TYR B 231 16.49 -33.89 28.65
N ALA B 232 17.06 -34.88 29.32
CA ALA B 232 17.41 -34.77 30.72
C ALA B 232 18.49 -33.70 30.86
N LYS B 233 19.33 -33.54 29.83
CA LYS B 233 20.40 -32.52 29.85
C LYS B 233 19.76 -31.15 29.76
N TYR B 234 18.82 -31.04 28.83
CA TYR B 234 18.11 -29.80 28.61
C TYR B 234 17.41 -29.32 29.87
N VAL B 235 16.66 -30.23 30.50
CA VAL B 235 15.95 -29.95 31.72
C VAL B 235 16.88 -29.71 32.92
N SER B 236 18.10 -30.25 32.93
CA SER B 236 19.00 -30.04 34.05
C SER B 236 19.86 -28.84 33.91
N GLU B 237 19.94 -28.29 32.70
CA GLU B 237 20.82 -27.15 32.49
C GLU B 237 20.22 -25.82 32.06
N GLN B 238 19.27 -25.91 31.13
CA GLN B 238 18.62 -24.72 30.55
C GLN B 238 17.22 -24.32 31.10
N LEU B 239 16.52 -25.27 31.68
CA LEU B 239 15.21 -24.98 32.20
C LEU B 239 15.30 -24.75 33.69
N THR B 240 16.33 -25.36 34.29
CA THR B 240 16.66 -25.34 35.72
C THR B 240 16.97 -24.02 36.47
N VAL B 241 16.71 -24.06 37.79
CA VAL B 241 16.86 -22.96 38.77
C VAL B 241 18.07 -23.07 39.73
N GLY B 242 18.84 -21.99 39.81
CA GLY B 242 19.98 -21.99 40.72
C GLY B 242 21.28 -21.51 40.11
N MET C 1 31.67 7.66 1.31
CA MET C 1 31.98 6.24 0.98
C MET C 1 31.48 5.22 1.98
N LEU C 2 30.76 4.25 1.44
CA LEU C 2 30.14 3.24 2.26
C LEU C 2 30.96 2.00 2.42
N SER C 3 31.58 1.88 3.59
CA SER C 3 32.43 0.75 3.96
C SER C 3 31.84 0.04 5.15
N ALA C 4 31.81 -1.28 5.06
CA ALA C 4 31.29 -2.14 6.10
C ALA C 4 32.47 -2.93 6.56
N ARG C 5 33.05 -2.56 7.68
CA ARG C 5 34.22 -3.25 8.19
C ARG C 5 33.94 -4.33 9.25
N HIS C 6 34.28 -5.57 8.92
CA HIS C 6 34.15 -6.78 9.77
C HIS C 6 32.84 -7.20 10.39
N VAL C 7 31.77 -7.05 9.66
CA VAL C 7 30.42 -7.34 10.15
C VAL C 7 29.97 -8.78 10.43
N ASP C 8 29.39 -8.94 11.61
CA ASP C 8 28.82 -10.23 12.04
C ASP C 8 27.38 -9.93 12.42
N PHE C 9 26.50 -10.88 12.13
CA PHE C 9 25.10 -10.71 12.47
C PHE C 9 24.36 -12.03 12.62
N ALA C 10 23.42 -12.00 13.55
CA ALA C 10 22.50 -13.08 13.89
C ALA C 10 21.18 -12.45 14.35
N TYR C 11 20.04 -13.03 13.94
CA TYR C 11 18.71 -12.55 14.36
C TYR C 11 18.36 -13.34 15.61
N ASP C 12 18.55 -14.65 15.48
CA ASP C 12 18.30 -15.64 16.49
C ASP C 12 19.57 -16.30 16.88
N ASP C 13 19.45 -17.23 17.80
CA ASP C 13 20.57 -18.01 18.33
C ASP C 13 20.86 -19.23 17.44
N SER C 14 19.82 -19.74 16.78
CA SER C 14 19.93 -20.91 15.91
C SER C 14 20.76 -20.85 14.63
N GLU C 15 21.62 -19.85 14.49
CA GLU C 15 22.43 -19.71 13.28
C GLU C 15 22.99 -18.36 13.33
N GLN C 16 24.19 -18.20 12.80
CA GLN C 16 24.73 -16.88 12.73
C GLN C 16 24.54 -16.65 11.26
N ILE C 17 23.95 -15.51 10.90
CA ILE C 17 23.63 -15.15 9.52
C ILE C 17 24.80 -14.61 8.67
N LEU C 18 25.52 -13.63 9.21
CA LEU C 18 26.68 -13.05 8.54
C LEU C 18 27.88 -13.26 9.45
N ARG C 19 29.06 -13.41 8.85
CA ARG C 19 30.30 -13.62 9.58
C ARG C 19 31.48 -12.87 8.96
N ASP C 20 32.10 -12.01 9.77
CA ASP C 20 33.25 -11.20 9.42
C ASP C 20 33.27 -10.59 8.03
N ILE C 21 32.17 -9.98 7.66
CA ILE C 21 31.95 -9.35 6.34
C ILE C 21 32.50 -7.94 6.14
N SER C 22 33.34 -7.76 5.14
CA SER C 22 33.87 -6.44 4.81
C SER C 22 33.65 -6.08 3.36
N PHE C 23 33.24 -4.85 3.10
CA PHE C 23 33.06 -4.39 1.73
C PHE C 23 33.10 -2.91 1.63
N GLU C 24 33.27 -2.42 0.42
CA GLU C 24 33.30 -1.00 0.14
C GLU C 24 32.45 -0.70 -1.09
N ALA C 25 31.67 0.37 -1.01
CA ALA C 25 30.87 0.82 -2.11
C ALA C 25 31.35 2.23 -2.28
N GLN C 26 31.92 2.52 -3.44
CA GLN C 26 32.45 3.84 -3.80
C GLN C 26 31.47 4.52 -4.78
N PRO C 27 31.50 5.87 -4.87
CA PRO C 27 30.63 6.66 -5.75
C PRO C 27 30.73 6.39 -7.23
N ASN C 28 29.59 6.55 -7.90
CA ASN C 28 29.39 6.36 -9.36
C ASN C 28 29.74 4.96 -9.79
N SER C 29 29.74 4.05 -8.83
CA SER C 29 30.09 2.68 -9.08
C SER C 29 29.00 1.73 -8.70
N ILE C 30 29.04 0.55 -9.29
CA ILE C 30 28.06 -0.46 -9.06
C ILE C 30 28.64 -1.75 -8.49
N ILE C 31 28.25 -2.03 -7.25
CA ILE C 31 28.69 -3.23 -6.56
C ILE C 31 27.57 -4.31 -6.54
N ALA C 32 27.89 -5.55 -6.86
CA ALA C 32 26.88 -6.60 -6.92
C ALA C 32 27.06 -7.60 -5.84
N PHE C 33 25.99 -8.29 -5.42
CA PHE C 33 26.02 -9.33 -4.37
C PHE C 33 25.31 -10.55 -4.89
N ALA C 34 26.09 -11.58 -5.14
CA ALA C 34 25.59 -12.84 -5.68
C ALA C 34 25.80 -13.95 -4.68
N GLY C 35 25.42 -15.16 -5.06
CA GLY C 35 25.56 -16.31 -4.17
C GLY C 35 24.22 -16.96 -4.00
N PRO C 36 24.08 -18.24 -3.59
CA PRO C 36 22.77 -18.88 -3.42
C PRO C 36 21.89 -18.13 -2.45
N SER C 37 20.60 -18.45 -2.46
CA SER C 37 19.68 -17.83 -1.57
C SER C 37 19.98 -18.41 -0.17
N GLY C 38 20.30 -17.53 0.78
CA GLY C 38 20.61 -17.94 2.15
C GLY C 38 21.95 -17.44 2.63
N GLY C 39 22.68 -16.84 1.71
CA GLY C 39 24.00 -16.33 2.01
C GLY C 39 23.96 -15.16 2.93
N GLY C 40 22.84 -14.45 2.90
CA GLY C 40 22.68 -13.27 3.74
C GLY C 40 22.64 -11.96 2.96
N LYS C 41 22.26 -12.02 1.71
CA LYS C 41 22.24 -10.87 0.86
C LYS C 41 21.17 -9.82 1.18
N SER C 42 19.97 -10.25 1.59
CA SER C 42 18.82 -9.35 1.91
C SER C 42 19.03 -8.77 3.27
N THR C 43 19.76 -9.52 4.08
CA THR C 43 20.10 -9.20 5.43
C THR C 43 21.09 -8.04 5.49
N ILE C 44 22.08 -8.02 4.59
CA ILE C 44 23.07 -6.95 4.54
C ILE C 44 22.34 -5.65 4.21
N PHE C 45 21.40 -5.75 3.27
CA PHE C 45 20.63 -4.59 2.87
C PHE C 45 19.84 -4.10 4.03
N SER C 46 19.28 -5.03 4.80
CA SER C 46 18.51 -4.68 5.95
C SER C 46 19.36 -3.99 6.93
N LEU C 47 20.61 -4.39 7.00
CA LEU C 47 21.54 -3.81 7.97
C LEU C 47 21.95 -2.41 7.59
N LEU C 48 22.04 -2.19 6.29
CA LEU C 48 22.40 -0.91 5.73
C LEU C 48 21.20 0.03 5.89
N GLU C 49 19.99 -0.54 5.77
CA GLU C 49 18.71 0.20 5.90
C GLU C 49 18.45 0.57 7.36
N ARG C 50 19.30 0.02 8.20
CA ARG C 50 19.31 0.16 9.64
C ARG C 50 18.20 -0.48 10.38
N PHE C 51 17.55 -1.45 9.75
CA PHE C 51 16.44 -2.18 10.34
C PHE C 51 16.98 -2.92 11.50
N TYR C 52 18.25 -3.28 11.40
CA TYR C 52 18.98 -4.01 12.45
C TYR C 52 20.39 -3.47 12.63
N GLN C 53 20.99 -3.87 13.72
CA GLN C 53 22.32 -3.47 14.07
C GLN C 53 23.33 -4.61 13.91
N PRO C 54 24.59 -4.29 13.58
CA PRO C 54 25.60 -5.33 13.42
C PRO C 54 25.92 -5.79 14.82
N THR C 55 25.86 -7.09 15.02
CA THR C 55 26.14 -7.65 16.32
C THR C 55 27.59 -7.57 16.70
N ALA C 56 28.44 -7.48 15.69
CA ALA C 56 29.87 -7.35 15.89
C ALA C 56 30.56 -6.27 15.05
N GLY C 57 30.35 -6.25 13.74
CA GLY C 57 31.05 -5.26 12.92
C GLY C 57 30.92 -3.75 13.05
N GLU C 58 31.03 -3.05 11.93
CA GLU C 58 30.90 -1.58 11.87
C GLU C 58 30.67 -1.02 10.45
N ILE C 59 29.47 -0.54 10.17
CA ILE C 59 29.19 0.05 8.89
C ILE C 59 29.46 1.53 9.05
N THR C 60 30.07 2.10 8.02
CA THR C 60 30.51 3.48 8.06
C THR C 60 30.18 4.18 6.78
N ILE C 61 30.04 5.50 6.86
CA ILE C 61 29.81 6.30 5.65
C ILE C 61 30.69 7.53 5.67
N ASP C 62 31.53 7.69 4.65
CA ASP C 62 32.45 8.82 4.58
C ASP C 62 33.31 9.00 5.82
N GLY C 63 33.43 7.92 6.60
CA GLY C 63 34.24 7.94 7.81
C GLY C 63 33.44 8.00 9.09
N GLN C 64 32.17 8.35 8.96
CA GLN C 64 31.27 8.50 10.09
C GLN C 64 30.38 7.27 10.19
N PRO C 65 30.26 6.67 11.39
CA PRO C 65 29.43 5.49 11.63
C PRO C 65 27.96 5.81 11.38
N ILE C 66 27.22 4.92 10.74
CA ILE C 66 25.81 5.16 10.41
C ILE C 66 24.83 5.15 11.62
N ASP C 67 25.28 4.59 12.75
CA ASP C 67 24.47 4.52 13.95
C ASP C 67 24.39 5.91 14.57
N ASN C 68 25.30 6.78 14.17
CA ASN C 68 25.35 8.14 14.70
C ASN C 68 24.34 9.04 14.04
N ILE C 69 24.47 9.14 12.73
CA ILE C 69 23.62 9.92 11.84
C ILE C 69 22.16 10.14 12.24
N SER C 70 21.57 9.19 12.98
CA SER C 70 20.17 9.21 13.47
C SER C 70 19.25 8.71 12.37
N LEU C 71 18.36 7.83 12.80
CA LEU C 71 17.42 7.13 11.94
C LEU C 71 16.83 7.85 10.74
N GLU C 72 16.32 9.08 10.92
CA GLU C 72 15.70 9.87 9.85
C GLU C 72 16.60 10.28 8.71
N ASN C 73 17.73 10.89 9.08
CA ASN C 73 18.72 11.37 8.11
C ASN C 73 19.31 10.26 7.24
N TRP C 74 19.40 9.08 7.83
CA TRP C 74 19.95 7.96 7.13
C TRP C 74 18.99 7.51 6.07
N ARG C 75 17.75 7.30 6.48
CA ARG C 75 16.74 6.81 5.56
C ARG C 75 16.47 7.77 4.42
N SER C 76 17.02 8.98 4.54
CA SER C 76 16.83 9.99 3.52
C SER C 76 17.98 10.04 2.53
N GLN C 77 19.12 9.52 2.95
CA GLN C 77 20.28 9.49 2.09
C GLN C 77 20.23 8.25 1.24
N ILE C 78 19.54 7.22 1.74
CA ILE C 78 19.38 5.95 1.07
C ILE C 78 18.08 5.90 0.27
N GLY C 79 17.98 4.88 -0.59
CA GLY C 79 16.82 4.66 -1.41
C GLY C 79 16.94 3.24 -1.91
N PHE C 80 15.81 2.53 -1.85
CA PHE C 80 15.65 1.12 -2.27
C PHE C 80 14.47 0.89 -3.26
N VAL C 81 14.81 0.45 -4.49
CA VAL C 81 13.87 0.16 -5.58
C VAL C 81 13.77 -1.35 -5.93
N SER C 82 12.64 -1.98 -5.64
CA SER C 82 12.48 -3.41 -5.96
C SER C 82 11.26 -3.65 -6.79
N GLN C 83 11.08 -4.92 -7.13
CA GLN C 83 9.94 -5.32 -7.94
C GLN C 83 8.71 -5.97 -7.25
N ASP C 84 7.66 -5.93 -8.06
CA ASP C 84 6.31 -6.40 -7.83
C ASP C 84 5.83 -7.49 -6.88
N SER C 85 4.75 -6.97 -6.32
CA SER C 85 3.77 -7.40 -5.34
C SER C 85 3.29 -5.95 -5.17
N ALA C 86 4.30 -5.06 -5.03
CA ALA C 86 4.21 -3.60 -4.85
C ALA C 86 3.26 -2.78 -5.79
N ILE C 87 1.95 -2.83 -5.47
CA ILE C 87 0.88 -2.09 -6.18
C ILE C 87 0.78 -0.78 -5.40
N MET C 88 0.43 0.26 -6.14
CA MET C 88 0.30 1.60 -5.60
C MET C 88 -1.15 2.04 -5.75
N ALA C 89 -1.65 2.78 -4.77
CA ALA C 89 -3.03 3.27 -4.82
C ALA C 89 -2.97 4.71 -4.43
N GLY C 90 -3.68 5.53 -5.19
CA GLY C 90 -3.70 6.96 -4.94
C GLY C 90 -3.33 7.69 -6.21
N THR C 91 -2.75 8.86 -6.01
CA THR C 91 -2.35 9.67 -7.15
C THR C 91 -0.87 9.63 -7.52
N ILE C 92 -0.61 10.04 -8.75
CA ILE C 92 0.74 10.14 -9.26
C ILE C 92 1.41 11.33 -8.60
N ARG C 93 0.66 12.16 -7.87
CA ARG C 93 1.26 13.27 -7.16
C ARG C 93 1.44 12.73 -5.76
N GLU C 94 0.53 11.88 -5.34
CA GLU C 94 0.68 11.35 -4.01
C GLU C 94 1.69 10.24 -3.90
N ASN C 95 1.82 9.41 -4.92
CA ASN C 95 2.79 8.31 -4.88
C ASN C 95 4.23 8.75 -5.14
N LEU C 96 4.39 10.02 -5.49
CA LEU C 96 5.68 10.60 -5.74
C LEU C 96 6.23 11.55 -4.63
N THR C 97 5.45 11.97 -3.63
CA THR C 97 5.96 12.91 -2.61
C THR C 97 5.91 12.45 -1.14
N TYR C 98 4.81 11.82 -0.79
CA TYR C 98 4.53 11.25 0.52
C TYR C 98 5.74 11.05 1.41
N GLY C 99 5.96 11.90 2.40
CA GLY C 99 7.11 11.63 3.21
C GLY C 99 8.26 12.42 2.66
N LEU C 100 7.93 13.61 2.16
CA LEU C 100 8.94 14.50 1.65
C LEU C 100 8.64 15.90 2.12
N GLU C 101 9.60 16.77 1.89
CA GLU C 101 9.46 18.16 2.30
C GLU C 101 8.63 18.88 1.21
N GLY C 102 8.30 20.13 1.47
CA GLY C 102 7.43 20.87 0.57
C GLY C 102 7.91 21.55 -0.66
N ASP C 103 7.03 21.57 -1.66
CA ASP C 103 7.28 22.28 -2.89
C ASP C 103 8.04 21.71 -4.00
N TYR C 104 8.19 22.59 -4.99
CA TYR C 104 8.87 22.38 -6.25
C TYR C 104 7.73 21.94 -7.28
N THR C 105 6.50 21.70 -6.77
CA THR C 105 5.25 21.50 -7.55
C THR C 105 5.16 20.49 -8.70
N ASP C 106 4.04 20.39 -9.46
CA ASP C 106 3.92 19.43 -10.58
C ASP C 106 5.03 19.66 -11.63
N GLU C 107 5.60 20.87 -11.65
CA GLU C 107 6.66 21.06 -12.62
C GLU C 107 7.84 20.11 -12.28
N ASP C 108 8.23 20.10 -11.00
CA ASP C 108 9.33 19.27 -10.47
C ASP C 108 8.99 17.79 -10.63
N LEU C 109 7.70 17.48 -10.69
CA LEU C 109 7.28 16.11 -10.84
C LEU C 109 7.47 15.74 -12.32
N TRP C 110 7.43 16.73 -13.20
CA TRP C 110 7.56 16.44 -14.64
C TRP C 110 8.94 16.03 -15.02
N GLN C 111 9.90 16.79 -14.50
CA GLN C 111 11.35 16.60 -14.75
C GLN C 111 11.87 15.23 -14.32
N VAL C 112 11.32 14.76 -13.22
CA VAL C 112 11.65 13.48 -12.63
C VAL C 112 11.03 12.37 -13.46
N LEU C 113 9.77 12.56 -13.87
CA LEU C 113 9.05 11.57 -14.67
C LEU C 113 9.64 11.50 -16.03
N ASP C 114 10.40 12.54 -16.38
CA ASP C 114 11.11 12.58 -17.64
C ASP C 114 12.38 11.75 -17.45
N LEU C 115 13.06 11.96 -16.33
CA LEU C 115 14.27 11.24 -16.02
C LEU C 115 14.00 9.75 -15.93
N ALA C 116 12.79 9.38 -15.49
CA ALA C 116 12.40 7.99 -15.36
C ALA C 116 11.85 7.41 -16.67
N PHE C 117 11.60 8.31 -17.64
CA PHE C 117 11.05 7.96 -18.97
C PHE C 117 9.58 7.49 -18.86
N ALA C 118 8.81 8.31 -18.14
CA ALA C 118 7.38 8.10 -17.86
C ALA C 118 6.58 9.14 -18.62
N ARG C 119 6.80 10.41 -18.26
CA ARG C 119 6.18 11.59 -18.87
C ARG C 119 5.21 11.40 -20.04
N SER C 120 5.72 10.85 -21.15
CA SER C 120 4.93 10.59 -22.35
C SER C 120 3.60 9.95 -21.97
N PHE C 121 3.68 8.74 -21.43
CA PHE C 121 2.49 7.99 -21.02
C PHE C 121 1.77 8.65 -19.88
N VAL C 122 2.47 9.42 -19.05
CA VAL C 122 1.81 10.10 -17.92
C VAL C 122 0.92 11.22 -18.39
N GLU C 123 1.36 11.91 -19.45
CA GLU C 123 0.62 12.98 -20.10
C GLU C 123 -0.61 12.37 -20.74
N ASN C 124 -0.42 11.21 -21.35
CA ASN C 124 -1.47 10.41 -22.00
C ASN C 124 -2.51 9.82 -21.03
N MET C 125 -2.33 10.06 -19.74
CA MET C 125 -3.26 9.55 -18.75
C MET C 125 -4.27 10.64 -18.46
N PRO C 126 -5.56 10.30 -18.23
CA PRO C 126 -6.68 11.19 -17.95
C PRO C 126 -6.42 12.54 -17.32
N ASP C 127 -6.32 12.56 -16.00
CA ASP C 127 -6.10 13.81 -15.27
C ASP C 127 -4.62 14.04 -14.98
N GLN C 128 -3.77 13.34 -15.72
CA GLN C 128 -2.31 13.41 -15.67
C GLN C 128 -1.73 14.06 -14.45
N LEU C 129 -0.98 13.30 -13.66
CA LEU C 129 -0.38 13.76 -12.38
C LEU C 129 -1.47 13.91 -11.29
N ASN C 130 -2.71 13.78 -11.69
CA ASN C 130 -3.78 13.88 -10.74
C ASN C 130 -4.67 12.71 -11.02
N THR C 131 -4.02 11.69 -11.57
CA THR C 131 -4.66 10.44 -11.93
C THR C 131 -4.68 9.49 -10.73
N GLU C 132 -5.78 8.75 -10.54
CA GLU C 132 -5.90 7.79 -9.44
C GLU C 132 -5.49 6.40 -9.96
N VAL C 133 -4.77 5.69 -9.11
CA VAL C 133 -4.22 4.39 -9.42
C VAL C 133 -4.64 3.35 -8.39
N GLY C 134 -4.50 2.09 -8.75
CA GLY C 134 -4.85 1.02 -7.83
C GLY C 134 -6.21 0.55 -8.24
N GLU C 135 -6.95 -0.06 -7.30
CA GLU C 135 -8.30 -0.60 -7.55
C GLU C 135 -9.33 0.49 -7.76
N ARG C 136 -9.16 1.53 -6.97
CA ARG C 136 -10.01 2.69 -7.03
C ARG C 136 -9.90 3.34 -8.39
N GLY C 137 -8.67 3.60 -8.80
CA GLY C 137 -8.44 4.26 -10.07
C GLY C 137 -8.31 3.47 -11.35
N VAL C 138 -7.15 3.68 -12.00
CA VAL C 138 -6.77 3.14 -13.30
C VAL C 138 -5.87 1.87 -13.32
N LYS C 139 -5.62 1.41 -14.55
CA LYS C 139 -4.81 0.25 -14.86
C LYS C 139 -3.41 0.77 -15.14
N ILE C 140 -2.40 0.01 -14.70
CA ILE C 140 -0.97 0.29 -14.90
C ILE C 140 -0.34 -1.07 -14.92
N SER C 141 0.67 -1.21 -15.76
CA SER C 141 1.42 -2.46 -15.87
C SER C 141 2.56 -2.51 -14.85
N GLY C 142 3.18 -3.67 -14.73
CA GLY C 142 4.28 -3.86 -13.80
C GLY C 142 5.43 -2.96 -14.17
N GLY C 143 5.67 -2.89 -15.49
CA GLY C 143 6.73 -2.08 -16.07
C GLY C 143 6.55 -0.59 -15.85
N GLN C 144 5.31 -0.17 -15.68
CA GLN C 144 5.04 1.25 -15.45
C GLN C 144 4.95 1.58 -13.93
N ARG C 145 4.50 0.61 -13.14
CA ARG C 145 4.38 0.77 -11.71
C ARG C 145 5.72 1.12 -11.09
N GLN C 146 6.72 0.37 -11.50
CA GLN C 146 8.06 0.60 -10.98
C GLN C 146 8.73 1.85 -11.53
N ARG C 147 8.48 2.22 -12.78
CA ARG C 147 9.12 3.40 -13.34
C ARG C 147 8.77 4.62 -12.51
N LEU C 148 7.59 4.54 -11.88
CA LEU C 148 7.09 5.59 -11.03
C LEU C 148 7.81 5.54 -9.71
N ALA C 149 8.29 4.35 -9.41
CA ALA C 149 9.05 4.15 -8.20
C ALA C 149 10.48 4.66 -8.39
N ILE C 150 11.01 4.46 -9.60
CA ILE C 150 12.35 4.91 -9.97
C ILE C 150 12.28 6.43 -9.95
N ALA C 151 11.11 6.92 -10.34
CA ALA C 151 10.83 8.34 -10.43
C ALA C 151 10.80 8.95 -9.06
N ARG C 152 10.10 8.27 -8.18
CA ARG C 152 10.00 8.74 -6.83
C ARG C 152 11.39 8.78 -6.22
N ALA C 153 12.21 7.83 -6.64
CA ALA C 153 13.56 7.72 -6.17
C ALA C 153 14.38 8.92 -6.64
N PHE C 154 14.29 9.24 -7.92
CA PHE C 154 15.02 10.35 -8.48
C PHE C 154 14.73 11.59 -7.70
N LEU C 155 13.48 11.69 -7.30
CA LEU C 155 12.95 12.83 -6.55
C LEU C 155 13.41 12.88 -5.10
N ARG C 156 13.43 11.69 -4.45
CA ARG C 156 13.87 11.56 -3.06
C ARG C 156 15.39 11.81 -3.08
N ASN C 157 15.95 11.61 -4.28
CA ASN C 157 17.35 11.83 -4.60
C ASN C 157 18.31 11.30 -3.54
N PRO C 158 18.51 9.97 -3.49
CA PRO C 158 19.44 9.39 -2.50
C PRO C 158 20.90 9.61 -2.93
N LYS C 159 21.84 9.27 -2.04
CA LYS C 159 23.27 9.33 -2.31
C LYS C 159 23.65 7.88 -2.57
N ILE C 160 22.99 6.99 -1.80
CA ILE C 160 23.16 5.54 -1.82
C ILE C 160 21.94 4.84 -2.37
N LEU C 161 22.18 3.96 -3.34
CA LEU C 161 21.13 3.22 -3.97
C LEU C 161 21.30 1.74 -3.81
N MET C 162 20.17 1.07 -3.55
CA MET C 162 20.04 -0.38 -3.38
C MET C 162 18.95 -0.95 -4.27
N LEU C 163 19.04 -2.22 -4.63
CA LEU C 163 18.02 -2.81 -5.46
C LEU C 163 18.27 -4.27 -5.61
N ASP C 164 17.37 -4.93 -6.35
CA ASP C 164 17.44 -6.34 -6.67
C ASP C 164 16.25 -6.83 -7.46
N GLU C 165 16.45 -8.01 -8.04
CA GLU C 165 15.45 -8.70 -8.86
C GLU C 165 15.02 -10.00 -8.17
N ALA C 166 13.73 -10.20 -7.97
CA ALA C 166 13.24 -11.44 -7.36
C ALA C 166 12.27 -12.18 -8.36
N THR C 167 12.32 -11.71 -9.62
CA THR C 167 11.50 -12.25 -10.73
C THR C 167 12.22 -12.23 -12.13
N ALA C 168 11.93 -13.23 -12.97
CA ALA C 168 12.54 -13.41 -14.33
C ALA C 168 12.33 -12.49 -15.60
N SER C 169 11.38 -11.51 -15.55
CA SER C 169 11.04 -10.59 -16.68
C SER C 169 12.17 -9.72 -17.24
N LEU C 170 13.27 -9.61 -16.51
CA LEU C 170 14.43 -8.85 -16.98
C LEU C 170 15.63 -9.78 -16.75
N ASP C 171 15.63 -10.82 -17.60
CA ASP C 171 16.58 -11.95 -17.61
C ASP C 171 18.10 -11.65 -17.54
N SER C 172 18.47 -10.44 -18.00
CA SER C 172 19.82 -9.83 -18.10
C SER C 172 20.12 -9.52 -19.56
N GLU C 173 19.43 -10.22 -20.43
CA GLU C 173 19.61 -10.04 -21.87
C GLU C 173 18.37 -9.32 -22.37
N SER C 174 17.33 -9.34 -21.52
CA SER C 174 16.00 -8.70 -21.74
C SER C 174 16.08 -7.25 -21.20
N GLU C 175 16.33 -6.28 -22.11
CA GLU C 175 16.48 -4.83 -21.81
C GLU C 175 15.29 -3.92 -22.23
N SER C 176 14.83 -3.10 -21.30
CA SER C 176 13.69 -2.23 -21.60
C SER C 176 13.81 -0.83 -20.99
N MET C 177 12.75 -0.04 -21.15
CA MET C 177 12.66 1.29 -20.62
C MET C 177 12.77 1.41 -19.14
N VAL C 178 12.63 0.27 -18.47
CA VAL C 178 12.72 0.19 -17.02
C VAL C 178 14.17 0.04 -16.66
N GLN C 179 14.80 -1.02 -17.17
CA GLN C 179 16.20 -1.29 -16.86
C GLN C 179 17.05 -0.12 -17.29
N LYS C 180 16.54 0.68 -18.21
CA LYS C 180 17.27 1.86 -18.70
C LYS C 180 16.97 3.10 -17.87
N ALA C 181 15.86 3.05 -17.15
CA ALA C 181 15.47 4.14 -16.29
C ALA C 181 16.22 3.91 -14.98
N LEU C 182 16.61 2.66 -14.76
CA LEU C 182 17.33 2.25 -13.58
C LEU C 182 18.76 2.70 -13.78
N ASP C 183 19.23 2.53 -15.01
CA ASP C 183 20.60 2.88 -15.40
C ASP C 183 20.84 4.38 -15.27
N SER C 184 19.77 5.15 -15.34
CA SER C 184 19.92 6.57 -15.17
C SER C 184 19.85 6.84 -13.69
N LEU C 185 19.22 5.94 -12.92
CA LEU C 185 19.09 6.17 -11.49
C LEU C 185 20.38 5.84 -10.80
N MET C 186 21.11 4.92 -11.43
CA MET C 186 22.38 4.46 -10.91
C MET C 186 23.49 5.48 -11.06
N LYS C 187 23.23 6.45 -11.94
CA LYS C 187 24.15 7.48 -12.33
C LYS C 187 25.07 8.06 -11.28
N GLY C 188 24.66 9.16 -10.69
CA GLY C 188 25.50 9.84 -9.72
C GLY C 188 25.51 9.30 -8.33
N ARG C 189 25.13 8.03 -8.23
CA ARG C 189 25.03 7.39 -6.94
C ARG C 189 25.92 6.18 -6.72
N THR C 190 26.05 5.87 -5.44
CA THR C 190 26.78 4.74 -4.91
C THR C 190 25.78 3.62 -4.93
N THR C 191 25.80 2.86 -6.00
CA THR C 191 24.85 1.78 -6.20
C THR C 191 25.29 0.43 -5.69
N LEU C 192 24.33 -0.39 -5.27
CA LEU C 192 24.56 -1.74 -4.82
C LEU C 192 23.39 -2.61 -5.13
N VAL C 193 23.59 -3.60 -5.98
CA VAL C 193 22.54 -4.53 -6.41
C VAL C 193 22.78 -5.92 -5.91
N ILE C 194 21.72 -6.61 -5.51
CA ILE C 194 21.85 -8.03 -5.13
C ILE C 194 21.58 -8.62 -6.50
N ALA C 195 22.66 -8.94 -7.17
CA ALA C 195 22.55 -9.46 -8.51
C ALA C 195 21.84 -10.78 -8.68
N HIS C 196 21.07 -10.85 -9.75
CA HIS C 196 20.33 -12.04 -10.11
C HIS C 196 20.34 -12.07 -11.65
N ARG C 197 20.52 -10.91 -12.26
CA ARG C 197 20.59 -10.80 -13.73
C ARG C 197 21.99 -11.07 -14.22
N LEU C 198 22.07 -12.04 -15.11
CA LEU C 198 23.32 -12.51 -15.70
C LEU C 198 24.23 -11.39 -16.20
N SER C 199 23.66 -10.33 -16.76
CA SER C 199 24.46 -9.20 -17.28
C SER C 199 24.98 -8.26 -16.21
N THR C 200 24.08 -7.95 -15.28
CA THR C 200 24.36 -7.03 -14.18
C THR C 200 25.80 -7.21 -13.63
N ILE C 201 26.20 -8.47 -13.44
CA ILE C 201 27.51 -8.88 -12.94
C ILE C 201 28.68 -8.57 -13.91
N VAL C 202 28.43 -8.87 -15.18
CA VAL C 202 29.39 -8.68 -16.24
C VAL C 202 29.72 -7.23 -16.45
N ASP C 203 28.92 -6.36 -15.83
CA ASP C 203 29.06 -4.89 -15.91
C ASP C 203 29.54 -4.29 -14.58
N ALA C 204 29.06 -4.88 -13.47
CA ALA C 204 29.36 -4.46 -12.11
C ALA C 204 30.82 -4.22 -11.90
N ASP C 205 31.11 -3.05 -11.34
CA ASP C 205 32.45 -2.61 -11.09
C ASP C 205 33.25 -3.41 -10.06
N LYS C 206 32.55 -4.17 -9.21
CA LYS C 206 33.13 -5.04 -8.17
C LYS C 206 32.05 -6.00 -7.76
N ILE C 207 32.35 -7.28 -7.62
CA ILE C 207 31.33 -8.25 -7.22
C ILE C 207 31.71 -8.87 -5.89
N TYR C 208 30.71 -9.26 -5.12
CA TYR C 208 30.94 -9.91 -3.84
C TYR C 208 30.12 -11.17 -3.79
N PHE C 209 30.80 -12.29 -3.91
CA PHE C 209 30.16 -13.59 -3.91
C PHE C 209 29.93 -13.97 -2.49
N ILE C 210 28.70 -14.32 -2.18
CA ILE C 210 28.40 -14.70 -0.80
C ILE C 210 27.85 -16.11 -0.72
N GLU C 211 28.51 -16.87 0.16
CA GLU C 211 28.15 -18.24 0.42
C GLU C 211 27.89 -18.33 1.89
N LYS C 212 26.81 -19.01 2.24
CA LYS C 212 26.36 -19.22 3.61
C LYS C 212 26.88 -18.35 4.76
N GLY C 213 26.94 -17.05 4.52
CA GLY C 213 27.37 -16.19 5.59
C GLY C 213 28.65 -15.48 5.37
N GLN C 214 29.43 -15.87 4.37
CA GLN C 214 30.76 -15.28 4.12
C GLN C 214 31.05 -14.83 2.70
N ILE C 215 31.90 -13.80 2.55
CA ILE C 215 32.30 -13.27 1.24
C ILE C 215 33.48 -14.10 0.71
N THR C 216 33.21 -15.01 -0.23
CA THR C 216 34.21 -15.88 -0.81
C THR C 216 35.03 -15.15 -1.84
N GLY C 217 34.41 -14.25 -2.57
CA GLY C 217 35.12 -13.50 -3.59
C GLY C 217 34.85 -12.01 -3.68
N SER C 218 35.83 -11.27 -4.16
CA SER C 218 35.72 -9.86 -4.33
C SER C 218 36.57 -9.31 -5.46
N GLY C 219 35.90 -9.00 -6.57
CA GLY C 219 36.54 -8.43 -7.75
C GLY C 219 35.63 -8.39 -8.97
N LYS C 220 36.17 -8.08 -10.15
CA LYS C 220 35.36 -8.01 -11.37
C LYS C 220 35.04 -9.43 -11.85
N HIS C 221 33.94 -9.58 -12.57
CA HIS C 221 33.43 -10.87 -13.07
C HIS C 221 34.48 -11.80 -13.68
N ASN C 222 35.07 -11.35 -14.78
CA ASN C 222 36.07 -12.13 -15.49
C ASN C 222 37.09 -12.79 -14.53
N GLU C 223 37.63 -11.94 -13.65
CA GLU C 223 38.67 -12.28 -12.68
C GLU C 223 38.24 -13.40 -11.81
N LEU C 224 37.07 -13.26 -11.22
CA LEU C 224 36.54 -14.27 -10.31
C LEU C 224 36.13 -15.56 -10.93
N VAL C 225 35.86 -15.55 -12.22
CA VAL C 225 35.42 -16.76 -12.84
C VAL C 225 36.54 -17.76 -13.14
N ALA C 226 37.76 -17.26 -13.28
CA ALA C 226 38.94 -18.09 -13.55
C ALA C 226 39.58 -18.56 -12.27
N THR C 227 39.81 -17.59 -11.38
CA THR C 227 40.42 -17.78 -10.08
C THR C 227 39.55 -18.63 -9.09
N HIS C 228 38.24 -18.43 -9.10
CA HIS C 228 37.31 -19.13 -8.21
C HIS C 228 36.37 -20.18 -8.86
N PRO C 229 36.63 -21.51 -8.65
CA PRO C 229 35.87 -22.65 -9.16
C PRO C 229 34.42 -22.65 -8.76
N LEU C 230 34.17 -22.36 -7.48
CA LEU C 230 32.81 -22.34 -6.94
C LEU C 230 31.93 -21.17 -7.40
N TYR C 231 32.56 -20.10 -7.88
CA TYR C 231 31.85 -18.96 -8.41
C TYR C 231 31.29 -19.42 -9.75
N ALA C 232 32.09 -20.11 -10.54
CA ALA C 232 31.66 -20.61 -11.84
C ALA C 232 30.34 -21.43 -11.75
N LYS C 233 30.20 -22.21 -10.67
CA LYS C 233 29.01 -23.04 -10.42
C LYS C 233 27.76 -22.17 -10.35
N TYR C 234 27.82 -21.12 -9.53
CA TYR C 234 26.72 -20.16 -9.38
C TYR C 234 26.37 -19.56 -10.78
N VAL C 235 27.42 -19.18 -11.52
CA VAL C 235 27.31 -18.57 -12.86
C VAL C 235 26.76 -19.42 -13.98
N SER C 236 27.06 -20.70 -13.98
CA SER C 236 26.54 -21.46 -15.08
C SER C 236 25.28 -22.20 -14.74
N GLU C 237 25.14 -22.59 -13.48
CA GLU C 237 23.96 -23.34 -13.11
C GLU C 237 22.80 -22.48 -12.55
N GLN C 238 22.87 -22.13 -11.25
CA GLN C 238 21.81 -21.36 -10.56
C GLN C 238 21.30 -20.14 -11.30
N LEU C 239 22.22 -19.53 -12.03
CA LEU C 239 21.93 -18.35 -12.79
C LEU C 239 21.36 -18.54 -14.18
N THR C 240 22.14 -19.26 -15.00
CA THR C 240 21.84 -19.53 -16.40
C THR C 240 20.63 -20.46 -16.70
N VAL C 241 20.54 -21.60 -16.00
CA VAL C 241 19.44 -22.57 -16.20
C VAL C 241 18.84 -23.04 -14.83
N GLY C 242 19.20 -22.35 -13.74
CA GLY C 242 18.69 -22.69 -12.42
C GLY C 242 19.16 -24.07 -11.94
N MET D 1 -10.20 -4.20 -37.71
CA MET D 1 -11.07 -3.01 -37.57
C MET D 1 -11.45 -2.78 -36.10
N LEU D 2 -11.49 -1.53 -35.67
CA LEU D 2 -11.84 -1.22 -34.27
C LEU D 2 -13.34 -0.89 -34.10
N SER D 3 -14.09 -1.78 -33.44
CA SER D 3 -15.53 -1.55 -33.23
C SER D 3 -15.92 -1.55 -31.76
N ALA D 4 -16.71 -0.56 -31.36
CA ALA D 4 -17.10 -0.52 -29.98
C ALA D 4 -18.54 -0.92 -29.86
N ARG D 5 -18.81 -2.19 -30.11
CA ARG D 5 -20.17 -2.68 -30.04
C ARG D 5 -20.81 -2.54 -28.65
N HIS D 6 -21.68 -1.54 -28.52
CA HIS D 6 -22.43 -1.23 -27.29
C HIS D 6 -21.65 -1.07 -26.01
N VAL D 7 -21.22 0.15 -25.74
CA VAL D 7 -20.44 0.40 -24.56
C VAL D 7 -21.19 1.24 -23.54
N ASP D 8 -21.32 0.70 -22.33
CA ASP D 8 -21.92 1.42 -21.21
C ASP D 8 -20.81 1.56 -20.20
N PHE D 9 -20.65 2.76 -19.64
CA PHE D 9 -19.60 3.02 -18.65
C PHE D 9 -20.04 4.04 -17.59
N ALA D 10 -19.47 3.86 -16.39
CA ALA D 10 -19.71 4.75 -15.27
C ALA D 10 -18.57 4.59 -14.26
N TYR D 11 -17.80 5.67 -14.08
CA TYR D 11 -16.68 5.69 -13.13
C TYR D 11 -17.24 5.52 -11.69
N ASP D 12 -18.29 6.27 -11.38
CA ASP D 12 -18.86 6.31 -10.04
C ASP D 12 -19.96 5.36 -9.77
N ASP D 13 -20.99 5.34 -10.60
CA ASP D 13 -22.05 4.40 -10.25
C ASP D 13 -23.42 5.12 -10.07
N SER D 14 -23.48 6.44 -10.08
CA SER D 14 -24.79 7.12 -9.90
C SER D 14 -25.07 7.92 -11.15
N GLU D 15 -24.03 8.00 -11.97
CA GLU D 15 -24.11 8.73 -13.19
C GLU D 15 -23.58 7.81 -14.27
N GLN D 16 -24.46 7.24 -15.08
CA GLN D 16 -24.05 6.36 -16.17
C GLN D 16 -23.50 7.21 -17.31
N ILE D 17 -22.21 7.47 -17.25
CA ILE D 17 -21.55 8.31 -18.23
C ILE D 17 -21.77 7.91 -19.65
N LEU D 18 -21.56 6.65 -19.95
CA LEU D 18 -21.82 6.23 -21.29
C LEU D 18 -22.91 5.20 -21.19
N ARG D 19 -23.92 5.40 -22.03
CA ARG D 19 -25.04 4.52 -22.13
C ARG D 19 -25.03 4.15 -23.58
N ASP D 20 -24.94 2.86 -23.84
CA ASP D 20 -24.94 2.30 -25.20
C ASP D 20 -24.16 3.05 -26.27
N ILE D 21 -22.87 2.83 -26.32
CA ILE D 21 -22.10 3.50 -27.33
C ILE D 21 -21.63 2.51 -28.38
N SER D 22 -21.78 2.85 -29.64
CA SER D 22 -21.28 1.96 -30.66
C SER D 22 -20.72 2.66 -31.86
N PHE D 23 -19.43 2.44 -32.05
CA PHE D 23 -18.71 3.00 -33.18
C PHE D 23 -17.89 1.91 -33.88
N GLU D 24 -17.53 2.17 -35.12
CA GLU D 24 -16.72 1.29 -35.94
C GLU D 24 -15.67 2.10 -36.65
N ALA D 25 -14.44 1.81 -36.24
CA ALA D 25 -13.22 2.43 -36.76
C ALA D 25 -12.83 1.64 -37.98
N GLN D 26 -12.20 2.34 -38.90
CA GLN D 26 -11.88 1.70 -40.12
C GLN D 26 -10.55 2.02 -40.68
N PRO D 27 -10.14 1.24 -41.69
CA PRO D 27 -8.87 1.42 -42.37
C PRO D 27 -8.48 2.81 -42.86
N ASN D 28 -7.17 3.01 -43.00
CA ASN D 28 -6.54 4.23 -43.53
C ASN D 28 -7.24 5.59 -43.37
N SER D 29 -8.01 5.78 -42.30
CA SER D 29 -8.70 7.05 -42.22
C SER D 29 -9.08 7.60 -40.88
N ILE D 30 -9.86 8.67 -40.96
CA ILE D 30 -10.34 9.41 -39.82
C ILE D 30 -11.81 9.18 -39.47
N ILE D 31 -12.06 9.42 -38.18
CA ILE D 31 -13.34 9.33 -37.51
C ILE D 31 -13.30 10.37 -36.38
N ALA D 32 -14.35 11.18 -36.26
CA ALA D 32 -14.38 12.19 -35.21
C ALA D 32 -15.37 11.90 -34.10
N PHE D 33 -15.25 12.68 -33.02
CA PHE D 33 -16.12 12.58 -31.87
C PHE D 33 -16.48 13.97 -31.26
N ALA D 34 -17.08 14.85 -32.04
CA ALA D 34 -17.42 16.18 -31.56
C ALA D 34 -18.61 16.15 -30.61
N GLY D 35 -18.70 17.15 -29.71
CA GLY D 35 -19.78 17.21 -28.70
C GLY D 35 -19.42 18.05 -27.48
N PRO D 36 -20.38 18.49 -26.65
CA PRO D 36 -20.12 19.30 -25.47
C PRO D 36 -19.23 18.64 -24.45
N SER D 37 -18.65 19.47 -23.57
CA SER D 37 -17.73 19.09 -22.47
C SER D 37 -18.04 17.90 -21.59
N GLY D 38 -19.28 17.76 -21.17
CA GLY D 38 -19.64 16.65 -20.29
C GLY D 38 -19.99 15.40 -21.03
N GLY D 39 -19.84 15.44 -22.36
CA GLY D 39 -20.14 14.32 -23.25
C GLY D 39 -19.56 12.96 -22.87
N GLY D 40 -18.25 12.83 -22.95
CA GLY D 40 -17.63 11.56 -22.59
C GLY D 40 -16.60 11.22 -23.62
N LYS D 41 -16.20 12.24 -24.39
CA LYS D 41 -15.20 12.09 -25.45
C LYS D 41 -13.86 11.51 -24.94
N SER D 42 -13.24 12.21 -23.99
CA SER D 42 -12.00 11.78 -23.39
C SER D 42 -12.20 10.44 -22.78
N THR D 43 -13.42 10.20 -22.26
CA THR D 43 -13.73 8.93 -21.60
C THR D 43 -13.76 7.80 -22.57
N ILE D 44 -14.10 8.06 -23.84
CA ILE D 44 -14.06 6.96 -24.80
C ILE D 44 -12.60 6.66 -25.01
N PHE D 45 -11.78 7.69 -25.14
CA PHE D 45 -10.36 7.44 -25.33
C PHE D 45 -9.80 6.73 -24.13
N SER D 46 -10.24 7.11 -22.95
CA SER D 46 -9.75 6.46 -21.74
C SER D 46 -10.17 5.02 -21.70
N LEU D 47 -11.04 4.59 -22.60
CA LEU D 47 -11.45 3.20 -22.61
C LEU D 47 -10.80 2.52 -23.74
N LEU D 48 -10.46 3.28 -24.76
CA LEU D 48 -9.80 2.71 -25.90
C LEU D 48 -8.36 2.34 -25.55
N GLU D 49 -7.77 3.02 -24.57
CA GLU D 49 -6.40 2.73 -24.11
C GLU D 49 -6.44 1.88 -22.87
N ARG D 50 -7.55 1.13 -22.68
CA ARG D 50 -7.83 0.25 -21.55
C ARG D 50 -7.61 0.77 -20.14
N PHE D 51 -7.56 2.08 -19.96
CA PHE D 51 -7.36 2.69 -18.63
C PHE D 51 -8.47 2.19 -17.68
N TYR D 52 -9.66 2.04 -18.22
CA TYR D 52 -10.80 1.59 -17.45
C TYR D 52 -11.49 0.47 -18.22
N GLN D 53 -12.12 -0.43 -17.49
CA GLN D 53 -12.82 -1.57 -18.08
C GLN D 53 -14.33 -1.34 -18.02
N PRO D 54 -15.00 -1.35 -19.18
CA PRO D 54 -16.45 -1.16 -19.39
C PRO D 54 -17.45 -1.80 -18.40
N THR D 55 -18.76 -1.56 -18.65
CA THR D 55 -19.86 -2.16 -17.88
C THR D 55 -20.74 -3.07 -18.76
N ALA D 56 -20.89 -2.71 -20.04
CA ALA D 56 -21.62 -3.55 -21.02
C ALA D 56 -20.99 -3.40 -22.40
N GLY D 57 -20.78 -4.55 -23.07
CA GLY D 57 -20.18 -4.59 -24.40
C GLY D 57 -18.65 -4.54 -24.46
N GLU D 58 -18.10 -5.06 -25.56
CA GLU D 58 -16.67 -5.10 -25.79
C GLU D 58 -16.21 -4.23 -26.94
N ILE D 59 -14.97 -3.79 -26.87
CA ILE D 59 -14.36 -3.02 -27.95
C ILE D 59 -13.55 -4.05 -28.82
N THR D 60 -14.09 -4.33 -30.02
CA THR D 60 -13.52 -5.27 -30.97
C THR D 60 -12.39 -4.79 -31.94
N ILE D 61 -11.41 -5.68 -32.19
CA ILE D 61 -10.32 -5.41 -33.18
C ILE D 61 -10.30 -6.56 -34.18
N ASP D 62 -10.43 -6.20 -35.47
CA ASP D 62 -10.47 -7.15 -36.58
C ASP D 62 -11.35 -8.31 -36.23
N GLY D 63 -12.27 -8.05 -35.30
CA GLY D 63 -13.22 -9.05 -34.81
C GLY D 63 -13.05 -9.46 -33.35
N GLN D 64 -11.82 -9.48 -32.87
CA GLN D 64 -11.61 -9.94 -31.51
C GLN D 64 -11.64 -8.83 -30.48
N PRO D 65 -11.94 -9.16 -29.18
CA PRO D 65 -11.98 -8.20 -28.06
C PRO D 65 -10.62 -7.44 -28.01
N ILE D 66 -10.10 -7.16 -26.80
CA ILE D 66 -8.78 -6.50 -26.62
C ILE D 66 -7.85 -7.16 -25.56
N ASP D 67 -8.34 -8.29 -25.03
CA ASP D 67 -7.73 -9.24 -24.08
C ASP D 67 -6.34 -9.77 -24.51
N ASN D 68 -5.79 -9.13 -25.52
CA ASN D 68 -4.56 -9.53 -26.11
C ASN D 68 -3.42 -9.32 -25.23
N ILE D 69 -2.91 -8.10 -25.25
CA ILE D 69 -1.77 -7.81 -24.43
C ILE D 69 -1.78 -6.34 -24.25
N SER D 70 -1.70 -5.93 -22.99
CA SER D 70 -1.60 -4.54 -22.67
C SER D 70 -0.49 -3.98 -23.64
N LEU D 71 0.61 -4.74 -23.79
CA LEU D 71 1.74 -4.36 -24.65
C LEU D 71 1.34 -4.13 -26.11
N GLU D 72 0.70 -5.11 -26.76
CA GLU D 72 0.31 -4.93 -28.19
C GLU D 72 -0.58 -3.73 -28.38
N ASN D 73 -1.46 -3.57 -27.39
CA ASN D 73 -2.37 -2.47 -27.39
C ASN D 73 -1.57 -1.19 -27.31
N TRP D 74 -0.89 -0.90 -26.16
CA TRP D 74 -0.12 0.37 -25.97
C TRP D 74 0.70 0.75 -27.18
N ARG D 75 1.24 -0.28 -27.86
CA ARG D 75 2.07 -0.19 -29.09
C ARG D 75 1.32 0.38 -30.31
N SER D 76 0.22 -0.31 -30.72
CA SER D 76 -0.72 0.02 -31.82
C SER D 76 -1.33 1.40 -31.65
N GLN D 77 -1.50 1.77 -30.38
CA GLN D 77 -2.01 3.06 -29.93
C GLN D 77 -1.04 4.18 -30.13
N ILE D 78 -1.59 5.39 -29.97
CA ILE D 78 -0.86 6.64 -30.08
C ILE D 78 -1.41 7.81 -29.26
N GLY D 79 -0.46 8.52 -28.69
CA GLY D 79 -0.69 9.71 -27.90
C GLY D 79 -0.19 10.75 -28.87
N PHE D 80 -0.70 11.94 -28.80
CA PHE D 80 -0.27 12.89 -29.79
C PHE D 80 0.63 13.89 -29.15
N VAL D 81 0.86 14.95 -29.93
CA VAL D 81 1.73 16.01 -29.48
C VAL D 81 1.42 17.52 -29.75
N SER D 82 1.63 18.12 -28.58
CA SER D 82 1.52 19.53 -28.27
C SER D 82 1.40 19.51 -26.73
N GLN D 83 0.64 18.52 -26.22
CA GLN D 83 0.39 18.31 -24.79
C GLN D 83 1.73 18.06 -24.13
N ASP D 84 2.70 17.70 -24.98
CA ASP D 84 4.09 17.43 -24.60
C ASP D 84 4.86 18.74 -24.53
N SER D 85 4.42 19.61 -23.61
CA SER D 85 4.98 20.93 -23.25
C SER D 85 6.35 21.14 -23.95
N ALA D 86 7.41 21.39 -23.19
CA ALA D 86 8.73 21.40 -23.83
C ALA D 86 9.45 20.27 -23.09
N ILE D 87 10.02 19.35 -23.86
CA ILE D 87 10.81 18.24 -23.30
C ILE D 87 12.25 18.62 -23.51
N MET D 88 12.97 18.78 -22.40
CA MET D 88 14.40 19.12 -22.45
C MET D 88 15.21 17.83 -22.71
N ALA D 89 15.06 17.16 -23.85
CA ALA D 89 15.89 15.98 -23.96
C ALA D 89 17.33 16.49 -24.41
N GLY D 90 17.44 17.83 -24.52
CA GLY D 90 18.65 18.52 -24.91
C GLY D 90 19.45 17.87 -26.04
N THR D 91 18.71 17.15 -26.88
CA THR D 91 19.24 16.39 -28.02
C THR D 91 18.07 15.93 -28.88
N ILE D 92 18.15 16.26 -30.16
CA ILE D 92 17.13 15.91 -31.10
C ILE D 92 16.89 14.42 -31.04
N ARG D 93 17.99 13.67 -31.04
CA ARG D 93 17.97 12.20 -30.93
C ARG D 93 17.03 11.91 -29.74
N GLU D 94 17.47 12.26 -28.53
CA GLU D 94 16.71 12.02 -27.29
C GLU D 94 15.21 12.38 -27.25
N ASN D 95 14.86 13.51 -27.88
CA ASN D 95 13.46 13.96 -27.92
C ASN D 95 12.59 13.09 -28.75
N LEU D 96 13.14 12.60 -29.86
CA LEU D 96 12.41 11.70 -30.77
C LEU D 96 12.67 10.26 -30.40
N THR D 97 13.56 10.10 -29.43
CA THR D 97 13.93 8.81 -29.00
C THR D 97 13.48 8.59 -27.57
N TYR D 98 12.41 9.30 -27.21
CA TYR D 98 11.85 9.04 -25.89
C TYR D 98 11.23 7.66 -25.97
N GLY D 99 11.36 6.99 -24.82
CA GLY D 99 10.87 5.66 -24.56
C GLY D 99 10.49 5.02 -25.85
N LEU D 100 11.50 4.53 -26.54
CA LEU D 100 11.21 3.97 -27.82
C LEU D 100 11.67 2.57 -28.02
N GLU D 101 12.74 2.33 -28.71
CA GLU D 101 12.96 0.91 -28.77
C GLU D 101 14.28 0.40 -28.35
N GLY D 102 14.70 -0.53 -29.21
CA GLY D 102 15.95 -1.26 -29.16
C GLY D 102 17.12 -0.35 -29.43
N ASP D 103 17.04 0.40 -30.51
CA ASP D 103 18.06 1.37 -30.88
C ASP D 103 17.53 1.98 -32.15
N TYR D 104 18.10 3.09 -32.58
CA TYR D 104 17.63 3.72 -33.81
C TYR D 104 18.85 4.27 -34.49
N THR D 105 18.69 4.59 -35.76
CA THR D 105 19.77 5.09 -36.59
C THR D 105 19.48 6.52 -37.04
N ASP D 106 20.55 7.17 -37.49
CA ASP D 106 20.57 8.54 -38.02
C ASP D 106 19.77 8.57 -39.32
N GLU D 107 20.16 7.67 -40.22
CA GLU D 107 19.57 7.52 -41.54
C GLU D 107 18.08 7.34 -41.35
N ASP D 108 17.72 6.59 -40.30
CA ASP D 108 16.33 6.35 -39.96
C ASP D 108 15.70 7.67 -39.50
N LEU D 109 16.29 8.28 -38.46
CA LEU D 109 15.74 9.53 -37.91
C LEU D 109 15.38 10.60 -38.88
N TRP D 110 16.28 10.83 -39.81
CA TRP D 110 16.03 11.82 -40.81
C TRP D 110 14.93 11.35 -41.79
N GLN D 111 14.91 10.03 -42.13
CA GLN D 111 13.90 9.45 -43.05
C GLN D 111 12.51 9.88 -42.63
N VAL D 112 12.39 9.99 -41.31
CA VAL D 112 11.18 10.37 -40.58
C VAL D 112 10.95 11.88 -40.58
N LEU D 113 12.01 12.65 -40.37
CA LEU D 113 11.88 14.09 -40.37
C LEU D 113 11.50 14.55 -41.78
N ASP D 114 11.78 13.71 -42.77
CA ASP D 114 11.44 14.01 -44.17
C ASP D 114 10.01 13.64 -44.46
N LEU D 115 9.47 12.85 -43.53
CA LEU D 115 8.12 12.32 -43.60
C LEU D 115 7.24 13.20 -42.70
N ALA D 116 7.89 13.83 -41.73
CA ALA D 116 7.25 14.72 -40.79
C ALA D 116 7.38 16.14 -41.29
N PHE D 117 8.03 16.26 -42.45
CA PHE D 117 8.33 17.54 -43.10
C PHE D 117 9.01 18.44 -42.02
N ALA D 118 10.19 17.96 -41.64
CA ALA D 118 11.01 18.59 -40.62
C ALA D 118 12.56 18.46 -40.76
N ARG D 119 13.07 18.06 -41.94
CA ARG D 119 14.53 17.85 -42.26
C ARG D 119 15.49 19.03 -42.07
N SER D 120 15.08 20.16 -42.61
CA SER D 120 15.89 21.37 -42.56
C SER D 120 16.11 22.09 -41.19
N PHE D 121 15.09 22.02 -40.33
CA PHE D 121 15.10 22.61 -38.98
C PHE D 121 16.41 22.25 -38.30
N VAL D 122 16.62 20.95 -38.41
CA VAL D 122 17.76 20.24 -37.86
C VAL D 122 19.11 20.64 -38.47
N GLU D 123 19.19 20.83 -39.80
CA GLU D 123 20.47 21.23 -40.45
C GLU D 123 21.12 22.47 -39.78
N ASN D 124 20.27 23.40 -39.28
CA ASN D 124 20.72 24.64 -38.62
C ASN D 124 20.85 24.55 -37.13
N MET D 125 21.03 23.32 -36.67
CA MET D 125 21.19 23.00 -35.26
C MET D 125 22.56 22.28 -34.95
N PRO D 126 23.63 23.01 -34.53
CA PRO D 126 24.99 22.52 -34.19
C PRO D 126 25.10 21.17 -33.46
N ASP D 127 25.75 20.24 -34.17
CA ASP D 127 25.92 18.84 -33.82
C ASP D 127 24.51 18.31 -34.09
N GLN D 128 24.14 18.29 -35.38
CA GLN D 128 22.81 17.91 -35.92
C GLN D 128 21.88 17.18 -34.95
N LEU D 129 21.74 15.87 -35.09
CA LEU D 129 20.89 15.08 -34.20
C LEU D 129 21.27 15.15 -32.67
N ASN D 130 22.46 15.65 -32.37
CA ASN D 130 22.92 15.72 -30.99
C ASN D 130 22.57 17.08 -30.39
N THR D 131 21.68 17.86 -31.01
CA THR D 131 21.36 19.23 -30.51
C THR D 131 20.31 19.45 -29.41
N GLU D 132 20.62 20.40 -28.51
CA GLU D 132 19.77 20.80 -27.39
C GLU D 132 18.72 21.77 -27.84
N VAL D 133 17.48 21.47 -27.45
CA VAL D 133 16.30 22.33 -27.69
C VAL D 133 15.53 22.38 -26.36
N GLY D 134 16.19 22.97 -25.37
CA GLY D 134 15.57 23.09 -24.07
C GLY D 134 15.74 24.52 -23.62
N GLU D 135 15.54 24.68 -22.31
CA GLU D 135 15.70 25.93 -21.59
C GLU D 135 17.16 26.37 -21.80
N ARG D 136 18.01 25.39 -22.11
CA ARG D 136 19.44 25.59 -22.30
C ARG D 136 19.88 25.42 -23.77
N GLY D 137 19.61 26.42 -24.62
CA GLY D 137 20.02 26.34 -26.01
C GLY D 137 19.05 25.94 -27.11
N VAL D 138 19.25 26.57 -28.28
CA VAL D 138 18.47 26.43 -29.53
C VAL D 138 16.97 26.38 -29.24
N LYS D 139 16.41 27.50 -28.77
CA LYS D 139 14.98 27.55 -28.46
C LYS D 139 14.13 27.57 -29.73
N ILE D 140 13.25 26.58 -29.85
CA ILE D 140 12.30 26.47 -30.98
C ILE D 140 11.04 27.22 -30.46
N SER D 141 10.32 27.93 -31.34
CA SER D 141 9.14 28.69 -30.91
C SER D 141 7.82 27.92 -30.66
N GLY D 142 7.78 26.66 -31.11
CA GLY D 142 6.62 25.83 -30.90
C GLY D 142 6.04 25.05 -32.07
N GLY D 143 6.14 25.64 -33.26
CA GLY D 143 5.59 24.96 -34.43
C GLY D 143 6.38 23.74 -34.79
N GLN D 144 7.67 23.89 -34.56
CA GLN D 144 8.58 22.82 -34.87
C GLN D 144 8.60 21.78 -33.75
N ARG D 145 8.39 22.21 -32.49
CA ARG D 145 8.39 21.29 -31.33
C ARG D 145 7.37 20.18 -31.47
N GLN D 146 6.19 20.58 -31.95
CA GLN D 146 5.01 19.72 -32.12
C GLN D 146 5.04 18.79 -33.34
N ARG D 147 5.94 19.12 -34.25
CA ARG D 147 6.12 18.34 -35.46
C ARG D 147 7.17 17.25 -35.26
N LEU D 148 8.11 17.55 -34.37
CA LEU D 148 9.22 16.68 -34.03
C LEU D 148 8.63 15.55 -33.29
N ALA D 149 7.39 15.83 -32.96
CA ALA D 149 6.59 14.96 -32.16
C ALA D 149 5.76 13.99 -32.91
N ILE D 150 5.37 14.42 -34.11
CA ILE D 150 4.59 13.62 -35.04
C ILE D 150 5.63 12.66 -35.59
N ALA D 151 6.87 13.14 -35.59
CA ALA D 151 7.98 12.37 -36.04
C ALA D 151 8.15 11.14 -35.13
N ARG D 152 8.02 11.34 -33.82
CA ARG D 152 8.18 10.24 -32.86
C ARG D 152 7.09 9.26 -33.14
N ALA D 153 5.90 9.82 -33.38
CA ALA D 153 4.71 9.04 -33.64
C ALA D 153 4.92 8.21 -34.88
N PHE D 154 5.74 8.77 -35.76
CA PHE D 154 6.06 8.11 -37.00
C PHE D 154 7.00 6.95 -36.78
N LEU D 155 7.64 6.88 -35.63
CA LEU D 155 8.58 5.79 -35.41
C LEU D 155 8.01 4.40 -35.39
N ARG D 156 7.06 4.14 -34.51
CA ARG D 156 6.48 2.78 -34.39
C ARG D 156 5.41 2.40 -35.36
N ASN D 157 5.16 3.28 -36.33
CA ASN D 157 4.11 3.11 -37.36
C ASN D 157 2.92 2.27 -36.87
N PRO D 158 2.13 2.89 -35.95
CA PRO D 158 0.95 2.32 -35.31
C PRO D 158 -0.20 2.07 -36.22
N LYS D 159 -1.10 1.21 -35.79
CA LYS D 159 -2.27 0.92 -36.57
C LYS D 159 -3.32 1.99 -36.22
N ILE D 160 -3.45 2.22 -34.91
CA ILE D 160 -4.41 3.16 -34.40
C ILE D 160 -3.72 4.42 -33.96
N LEU D 161 -4.23 5.53 -34.47
CA LEU D 161 -3.72 6.85 -34.10
C LEU D 161 -4.83 7.65 -33.38
N MET D 162 -4.58 8.01 -32.12
CA MET D 162 -5.54 8.76 -31.36
C MET D 162 -5.12 10.19 -31.17
N LEU D 163 -6.08 11.11 -31.31
CA LEU D 163 -5.81 12.55 -31.21
C LEU D 163 -6.72 13.34 -30.25
N ASP D 164 -6.35 14.58 -30.03
CA ASP D 164 -7.07 15.47 -29.18
C ASP D 164 -6.45 16.80 -29.60
N GLU D 165 -7.29 17.72 -30.05
CA GLU D 165 -6.89 19.06 -30.51
C GLU D 165 -7.44 20.20 -29.61
N ALA D 166 -7.00 21.43 -29.87
CA ALA D 166 -7.42 22.67 -29.16
C ALA D 166 -6.54 23.86 -29.58
N THR D 167 -6.62 24.98 -28.82
CA THR D 167 -5.91 26.27 -29.03
C THR D 167 -5.15 26.38 -30.33
N ALA D 168 -5.89 26.75 -31.38
CA ALA D 168 -5.35 26.91 -32.71
C ALA D 168 -4.46 28.16 -32.83
N SER D 169 -3.17 27.99 -32.52
CA SER D 169 -2.21 29.09 -32.66
C SER D 169 -2.09 29.14 -34.17
N LEU D 170 -2.78 30.17 -34.68
CA LEU D 170 -2.93 30.43 -36.08
C LEU D 170 -1.71 30.86 -36.82
N ASP D 171 -0.55 30.51 -36.30
CA ASP D 171 0.61 30.76 -37.11
C ASP D 171 0.23 29.63 -38.13
N SER D 172 -0.73 29.96 -39.01
CA SER D 172 -1.28 29.08 -40.06
C SER D 172 -0.24 28.17 -40.71
N GLU D 173 1.03 28.63 -40.68
CA GLU D 173 2.17 27.86 -41.17
C GLU D 173 2.29 26.58 -40.27
N SER D 174 2.15 26.79 -38.95
CA SER D 174 2.18 25.77 -37.91
C SER D 174 1.11 24.82 -38.29
N GLU D 175 -0.09 25.31 -38.54
CA GLU D 175 -1.09 24.40 -39.03
C GLU D 175 -0.71 24.01 -40.47
N SER D 176 0.21 24.70 -41.17
CA SER D 176 0.45 24.23 -42.56
C SER D 176 1.29 22.95 -42.57
N MET D 177 2.42 22.98 -41.88
CA MET D 177 3.26 21.78 -41.81
C MET D 177 2.73 20.85 -40.73
N VAL D 178 1.95 21.41 -39.82
CA VAL D 178 1.35 20.62 -38.77
C VAL D 178 0.29 19.76 -39.50
N GLN D 179 -0.46 20.38 -40.42
CA GLN D 179 -1.47 19.62 -41.16
C GLN D 179 -0.81 18.61 -42.12
N LYS D 180 0.20 19.08 -42.86
CA LYS D 180 0.96 18.25 -43.79
C LYS D 180 1.56 16.99 -43.13
N ALA D 181 2.12 17.18 -41.93
CA ALA D 181 2.75 16.12 -41.16
C ALA D 181 1.65 15.22 -40.64
N LEU D 182 0.65 15.83 -39.99
CA LEU D 182 -0.47 15.10 -39.43
C LEU D 182 -1.17 14.35 -40.52
N ASP D 183 -1.13 14.92 -41.72
CA ASP D 183 -1.74 14.25 -42.84
C ASP D 183 -0.92 12.99 -43.10
N SER D 184 0.40 13.17 -43.27
CA SER D 184 1.32 12.06 -43.57
C SER D 184 1.24 10.96 -42.53
N LEU D 185 0.85 11.34 -41.31
CA LEU D 185 0.74 10.41 -40.20
C LEU D 185 -0.57 9.68 -40.24
N MET D 186 -1.65 10.43 -40.46
CA MET D 186 -3.01 9.86 -40.52
C MET D 186 -3.22 9.01 -41.75
N LYS D 187 -2.68 9.51 -42.85
CA LYS D 187 -2.78 8.86 -44.14
C LYS D 187 -2.11 7.47 -44.20
N GLY D 188 -2.94 6.47 -43.96
CA GLY D 188 -2.48 5.11 -43.98
C GLY D 188 -2.66 4.43 -42.64
N ARG D 189 -3.45 5.01 -41.71
CA ARG D 189 -3.70 4.40 -40.38
C ARG D 189 -5.18 4.47 -39.98
N THR D 190 -5.56 3.77 -38.91
CA THR D 190 -6.92 3.79 -38.43
C THR D 190 -6.98 4.96 -37.45
N THR D 191 -7.33 6.16 -37.90
CA THR D 191 -7.37 7.36 -37.01
C THR D 191 -8.72 7.66 -36.28
N LEU D 192 -8.59 8.12 -35.04
CA LEU D 192 -9.69 8.43 -34.14
C LEU D 192 -9.41 9.81 -33.58
N VAL D 193 -10.32 10.75 -33.81
CA VAL D 193 -10.16 12.14 -33.36
C VAL D 193 -11.27 12.68 -32.45
N ILE D 194 -10.86 13.59 -31.56
CA ILE D 194 -11.76 14.32 -30.69
C ILE D 194 -11.43 15.69 -31.23
N ALA D 195 -12.15 16.06 -32.27
CA ALA D 195 -11.92 17.30 -32.96
C ALA D 195 -12.40 18.58 -32.31
N HIS D 196 -11.52 19.55 -32.27
CA HIS D 196 -11.90 20.83 -31.75
C HIS D 196 -11.59 21.79 -32.85
N ARG D 197 -11.45 21.23 -34.06
CA ARG D 197 -11.14 21.99 -35.28
C ARG D 197 -12.05 21.60 -36.43
N LEU D 198 -12.50 22.64 -37.10
CA LEU D 198 -13.40 22.51 -38.23
C LEU D 198 -12.71 21.75 -39.36
N SER D 199 -11.48 22.15 -39.66
CA SER D 199 -10.68 21.57 -40.73
C SER D 199 -10.73 20.05 -40.69
N THR D 200 -10.70 19.55 -39.48
CA THR D 200 -10.68 18.13 -39.26
C THR D 200 -11.97 17.43 -39.64
N ILE D 201 -13.08 17.85 -39.03
CA ILE D 201 -14.38 17.27 -39.24
C ILE D 201 -14.92 17.37 -40.65
N VAL D 202 -14.53 18.43 -41.36
CA VAL D 202 -14.96 18.67 -42.74
C VAL D 202 -14.66 17.48 -43.62
N ASP D 203 -13.45 16.96 -43.47
CA ASP D 203 -13.01 15.83 -44.28
C ASP D 203 -12.80 14.54 -43.51
N ALA D 204 -13.46 14.43 -42.36
CA ALA D 204 -13.44 13.21 -41.59
C ALA D 204 -14.31 12.31 -42.45
N ASP D 205 -14.10 11.04 -42.31
CA ASP D 205 -14.82 10.09 -43.15
C ASP D 205 -16.17 9.66 -42.64
N LYS D 206 -16.37 9.94 -41.36
CA LYS D 206 -17.58 9.69 -40.61
C LYS D 206 -17.34 10.27 -39.25
N ILE D 207 -18.34 11.00 -38.76
CA ILE D 207 -18.30 11.68 -37.48
C ILE D 207 -19.38 11.12 -36.57
N TYR D 208 -19.20 11.30 -35.27
CA TYR D 208 -20.20 10.86 -34.29
C TYR D 208 -20.52 12.07 -33.41
N PHE D 209 -21.79 12.26 -33.04
CA PHE D 209 -22.08 13.38 -32.19
C PHE D 209 -22.42 12.87 -30.79
N ILE D 210 -21.66 13.34 -29.82
CA ILE D 210 -21.83 12.94 -28.45
C ILE D 210 -22.25 14.08 -27.59
N GLU D 211 -23.51 13.95 -27.20
CA GLU D 211 -24.24 14.85 -26.33
C GLU D 211 -24.54 14.01 -25.13
N LYS D 212 -24.19 14.52 -23.95
CA LYS D 212 -24.44 13.85 -22.69
C LYS D 212 -24.33 12.29 -22.65
N GLY D 213 -23.15 11.79 -23.02
CA GLY D 213 -22.88 10.36 -22.97
C GLY D 213 -23.62 9.44 -23.91
N GLN D 214 -24.02 9.95 -25.06
CA GLN D 214 -24.72 9.15 -26.03
C GLN D 214 -24.38 9.61 -27.40
N ILE D 215 -24.55 8.77 -28.39
CA ILE D 215 -24.30 9.21 -29.76
C ILE D 215 -25.65 9.70 -30.26
N THR D 216 -25.64 10.80 -31.02
CA THR D 216 -26.85 11.38 -31.56
C THR D 216 -26.74 11.65 -33.06
N GLY D 217 -25.55 11.59 -33.63
CA GLY D 217 -25.35 11.81 -35.05
C GLY D 217 -24.36 10.74 -35.49
N SER D 218 -24.53 10.19 -36.69
CA SER D 218 -23.66 9.11 -37.16
C SER D 218 -23.37 9.11 -38.65
N GLY D 219 -22.74 10.17 -39.16
CA GLY D 219 -22.44 10.20 -40.60
C GLY D 219 -21.47 11.25 -41.05
N LYS D 220 -21.30 11.41 -42.35
CA LYS D 220 -20.38 12.44 -42.83
C LYS D 220 -21.02 13.80 -42.54
N HIS D 221 -20.17 14.76 -42.25
CA HIS D 221 -20.52 16.13 -41.91
C HIS D 221 -21.56 16.79 -42.76
N ASN D 222 -21.47 16.60 -44.07
CA ASN D 222 -22.38 17.16 -45.06
C ASN D 222 -23.81 16.78 -44.76
N GLU D 223 -23.96 15.61 -44.15
CA GLU D 223 -25.27 15.13 -43.79
C GLU D 223 -25.72 15.61 -42.42
N LEU D 224 -24.82 15.59 -41.46
CA LEU D 224 -25.11 16.00 -40.09
C LEU D 224 -25.57 17.42 -39.94
N VAL D 225 -24.85 18.34 -40.55
CA VAL D 225 -25.15 19.75 -40.48
C VAL D 225 -26.48 20.08 -41.05
N ALA D 226 -27.01 19.20 -41.86
CA ALA D 226 -28.31 19.48 -42.43
C ALA D 226 -29.42 18.75 -41.67
N THR D 227 -29.07 17.72 -40.93
CA THR D 227 -30.06 16.90 -40.27
C THR D 227 -30.08 17.11 -38.78
N HIS D 228 -29.18 17.93 -38.27
CA HIS D 228 -29.10 18.05 -36.84
C HIS D 228 -28.88 19.48 -36.35
N PRO D 229 -29.95 20.22 -36.05
CA PRO D 229 -29.88 21.61 -35.58
C PRO D 229 -28.98 21.87 -34.36
N LEU D 230 -28.61 20.80 -33.66
CA LEU D 230 -27.76 20.93 -32.47
C LEU D 230 -26.30 20.70 -32.85
N TYR D 231 -26.06 19.98 -33.95
CA TYR D 231 -24.71 19.74 -34.42
C TYR D 231 -24.18 21.04 -34.98
N ALA D 232 -24.92 21.64 -35.90
CA ALA D 232 -24.52 22.90 -36.50
C ALA D 232 -24.39 24.01 -35.44
N LYS D 233 -25.16 23.92 -34.37
CA LYS D 233 -25.09 24.91 -33.31
C LYS D 233 -23.73 24.77 -32.66
N TYR D 234 -23.36 23.52 -32.34
CA TYR D 234 -22.07 23.22 -31.71
C TYR D 234 -20.88 23.66 -32.55
N VAL D 235 -20.96 23.33 -33.83
CA VAL D 235 -19.92 23.62 -34.78
C VAL D 235 -19.68 25.09 -35.08
N SER D 236 -20.71 25.93 -35.03
CA SER D 236 -20.50 27.35 -35.31
C SER D 236 -20.22 28.20 -34.09
N GLU D 237 -20.71 27.74 -32.94
CA GLU D 237 -20.51 28.53 -31.73
C GLU D 237 -19.26 28.16 -30.91
N GLN D 238 -19.19 26.88 -30.50
CA GLN D 238 -18.12 26.37 -29.66
C GLN D 238 -16.97 25.64 -30.32
N LEU D 239 -17.14 25.24 -31.58
CA LEU D 239 -16.07 24.51 -32.27
C LEU D 239 -15.22 25.34 -33.22
N THR D 240 -15.69 26.54 -33.55
CA THR D 240 -14.99 27.43 -34.48
C THR D 240 -13.54 27.70 -34.08
N VAL D 241 -13.30 27.86 -32.77
CA VAL D 241 -11.99 28.13 -32.20
C VAL D 241 -11.31 29.39 -32.85
#